data_1KKC
#
_entry.id   1KKC
#
_cell.length_a   65.882
_cell.length_b   98.697
_cell.length_c   139.281
_cell.angle_alpha   90.00
_cell.angle_beta   90.00
_cell.angle_gamma   90.00
#
_symmetry.space_group_name_H-M   'P 21 21 21'
#
loop_
_entity.id
_entity.type
_entity.pdbx_description
1 polymer 'Manganese Superoxide Dismutase'
2 non-polymer 'MANGANESE (II) ION'
3 water water
#
_entity_poly.entity_id   1
_entity_poly.type   'polypeptide(L)'
_entity_poly.pdbx_seq_one_letter_code
;GTSPIQTPINTMSQQYTLPPLPYPYDALQPYISQQIMELHHKKHHQTYVNGLNAALEAQKKAAEATDVPKLVSVQQAIKF
NGGGHINHSLFWKNLAPEKSGGGKIDQAPVLKAAIEQRWGSFDKFKDAFNTTLLGIQGSGWGWLVTDGPKGKLDITTTHD
QDPVTGAAPVFGVDMWEHAYYLQYLNDKASYAKGIWNVINWAEAENRYIAGDKGGHPFMKL
;
_entity_poly.pdbx_strand_id   A,B,X,Y
#
loop_
_chem_comp.id
_chem_comp.type
_chem_comp.name
_chem_comp.formula
MN non-polymer 'MANGANESE (II) ION' 'Mn 2'
#
# COMPACT_ATOMS: atom_id res chain seq x y z
N GLN A 14 -20.80 -9.19 -21.89
CA GLN A 14 -21.66 -10.12 -21.10
C GLN A 14 -21.70 -9.73 -19.63
N GLN A 15 -22.90 -9.58 -19.07
CA GLN A 15 -23.04 -9.24 -17.65
C GLN A 15 -22.57 -10.43 -16.83
N TYR A 16 -21.59 -10.22 -15.97
CA TYR A 16 -21.06 -11.30 -15.14
C TYR A 16 -22.12 -11.82 -14.17
N THR A 17 -22.05 -13.12 -13.88
CA THR A 17 -23.01 -13.73 -12.97
C THR A 17 -22.33 -14.64 -11.97
N LEU A 18 -23.04 -14.96 -10.90
CA LEU A 18 -22.53 -15.82 -9.85
C LEU A 18 -22.52 -17.27 -10.32
N PRO A 19 -21.32 -17.88 -10.41
CA PRO A 19 -21.23 -19.27 -10.85
C PRO A 19 -21.80 -20.19 -9.78
N PRO A 20 -22.70 -21.11 -10.18
CA PRO A 20 -23.26 -22.01 -9.17
C PRO A 20 -22.14 -22.86 -8.57
N LEU A 21 -22.35 -23.36 -7.36
CA LEU A 21 -21.35 -24.21 -6.73
C LEU A 21 -21.41 -25.57 -7.41
N PRO A 22 -20.29 -26.31 -7.43
CA PRO A 22 -20.28 -27.63 -8.07
C PRO A 22 -20.71 -28.75 -7.12
N TYR A 23 -21.24 -28.36 -5.96
CA TYR A 23 -21.70 -29.30 -4.94
C TYR A 23 -22.66 -28.57 -4.02
N PRO A 24 -23.49 -29.32 -3.27
CA PRO A 24 -24.47 -28.75 -2.32
C PRO A 24 -23.77 -27.88 -1.28
N TYR A 25 -24.49 -26.93 -0.71
CA TYR A 25 -23.94 -26.02 0.29
C TYR A 25 -23.43 -26.73 1.55
N ASP A 26 -23.88 -27.95 1.78
CA ASP A 26 -23.47 -28.70 2.96
C ASP A 26 -22.48 -29.81 2.63
N ALA A 27 -22.07 -29.91 1.37
CA ALA A 27 -21.16 -30.97 0.95
C ALA A 27 -19.77 -30.92 1.58
N LEU A 28 -19.38 -29.77 2.15
CA LEU A 28 -18.06 -29.65 2.75
C LEU A 28 -18.03 -29.78 4.27
N GLN A 29 -19.15 -30.16 4.87
CA GLN A 29 -19.18 -30.33 6.32
C GLN A 29 -18.44 -31.63 6.63
N PRO A 30 -17.86 -31.75 7.82
CA PRO A 30 -17.83 -30.76 8.90
C PRO A 30 -16.66 -29.78 8.84
N TYR A 31 -16.00 -29.67 7.68
CA TYR A 31 -14.85 -28.79 7.54
C TYR A 31 -15.28 -27.32 7.29
N ILE A 32 -16.36 -27.13 6.53
CA ILE A 32 -16.90 -25.82 6.28
C ILE A 32 -18.41 -26.00 6.33
N SER A 33 -19.06 -25.31 7.27
CA SER A 33 -20.50 -25.43 7.44
C SER A 33 -21.35 -24.97 6.28
N GLN A 34 -22.59 -25.45 6.27
CA GLN A 34 -23.54 -25.07 5.22
C GLN A 34 -23.86 -23.60 5.34
N GLN A 35 -23.96 -23.11 6.57
CA GLN A 35 -24.29 -21.71 6.79
C GLN A 35 -23.23 -20.81 6.17
N ILE A 36 -21.95 -21.14 6.39
CA ILE A 36 -20.86 -20.37 5.83
C ILE A 36 -20.91 -20.42 4.31
N MET A 37 -21.01 -21.63 3.76
CA MET A 37 -21.06 -21.79 2.32
C MET A 37 -22.18 -20.96 1.67
N GLU A 38 -23.38 -20.98 2.25
CA GLU A 38 -24.50 -20.20 1.72
C GLU A 38 -24.21 -18.70 1.77
N LEU A 39 -23.80 -18.19 2.93
CA LEU A 39 -23.50 -16.77 3.05
C LEU A 39 -22.31 -16.36 2.19
N HIS A 40 -21.25 -17.17 2.21
CA HIS A 40 -20.03 -16.89 1.46
C HIS A 40 -20.26 -16.79 -0.05
N HIS A 41 -21.11 -17.66 -0.55
CA HIS A 41 -21.44 -17.71 -1.96
C HIS A 41 -22.55 -16.74 -2.34
N LYS A 42 -23.71 -16.92 -1.74
CA LYS A 42 -24.87 -16.09 -2.04
C LYS A 42 -24.84 -14.63 -1.58
N LYS A 43 -23.98 -14.31 -0.62
CA LYS A 43 -23.91 -12.94 -0.13
C LYS A 43 -22.61 -12.25 -0.54
N HIS A 44 -21.49 -12.75 -0.06
CA HIS A 44 -20.20 -12.15 -0.36
C HIS A 44 -19.81 -12.23 -1.82
N HIS A 45 -19.78 -13.44 -2.37
CA HIS A 45 -19.41 -13.59 -3.77
C HIS A 45 -20.40 -12.86 -4.67
N GLN A 46 -21.69 -12.98 -4.36
CA GLN A 46 -22.73 -12.31 -5.16
C GLN A 46 -22.49 -10.81 -5.17
N THR A 47 -22.07 -10.28 -4.03
CA THR A 47 -21.82 -8.85 -3.91
C THR A 47 -20.67 -8.43 -4.82
N TYR A 48 -19.61 -9.24 -4.89
CA TYR A 48 -18.47 -8.91 -5.74
C TYR A 48 -18.88 -8.93 -7.22
N VAL A 49 -19.80 -9.81 -7.57
CA VAL A 49 -20.28 -9.90 -8.94
C VAL A 49 -21.06 -8.64 -9.27
N ASN A 50 -22.01 -8.28 -8.40
CA ASN A 50 -22.81 -7.09 -8.62
C ASN A 50 -21.89 -5.87 -8.69
N GLY A 51 -20.92 -5.84 -7.77
CA GLY A 51 -19.97 -4.73 -7.72
C GLY A 51 -19.11 -4.62 -8.96
N LEU A 52 -18.73 -5.77 -9.51
CA LEU A 52 -17.91 -5.77 -10.72
C LEU A 52 -18.73 -5.21 -11.89
N ASN A 53 -19.97 -5.67 -12.02
CA ASN A 53 -20.84 -5.20 -13.09
C ASN A 53 -21.06 -3.69 -13.05
N ALA A 54 -21.34 -3.16 -11.86
CA ALA A 54 -21.57 -1.72 -11.71
C ALA A 54 -20.28 -0.94 -11.99
N ALA A 55 -19.16 -1.48 -11.52
CA ALA A 55 -17.86 -0.82 -11.72
C ALA A 55 -17.52 -0.71 -13.20
N LEU A 56 -17.61 -1.82 -13.93
CA LEU A 56 -17.29 -1.80 -15.35
C LEU A 56 -18.25 -0.84 -16.07
N GLU A 57 -19.50 -0.83 -15.66
CA GLU A 57 -20.48 0.05 -16.27
C GLU A 57 -20.07 1.49 -16.00
N ALA A 58 -19.61 1.76 -14.79
CA ALA A 58 -19.18 3.10 -14.42
C ALA A 58 -17.93 3.50 -15.21
N GLN A 59 -16.99 2.57 -15.35
CA GLN A 59 -15.76 2.84 -16.08
C GLN A 59 -16.10 3.10 -17.55
N LYS A 60 -17.09 2.36 -18.06
CA LYS A 60 -17.52 2.50 -19.44
C LYS A 60 -18.04 3.91 -19.69
N LYS A 61 -18.93 4.38 -18.83
CA LYS A 61 -19.49 5.71 -18.97
C LYS A 61 -18.42 6.79 -18.85
N ALA A 62 -17.53 6.61 -17.88
CA ALA A 62 -16.45 7.57 -17.68
C ALA A 62 -15.56 7.65 -18.91
N ALA A 63 -15.27 6.51 -19.52
CA ALA A 63 -14.42 6.48 -20.70
C ALA A 63 -15.14 7.19 -21.85
N GLU A 64 -16.44 6.92 -22.00
CA GLU A 64 -17.21 7.54 -23.07
C GLU A 64 -17.26 9.06 -22.89
N ALA A 65 -17.29 9.50 -21.63
CA ALA A 65 -17.35 10.93 -21.33
C ALA A 65 -15.95 11.55 -21.26
N THR A 66 -14.94 10.71 -21.43
CA THR A 66 -13.55 11.15 -21.38
C THR A 66 -13.27 11.78 -20.00
N ASP A 67 -13.88 11.23 -18.96
CA ASP A 67 -13.72 11.72 -17.59
C ASP A 67 -12.59 10.94 -16.91
N VAL A 68 -11.36 11.45 -17.03
CA VAL A 68 -10.20 10.79 -16.45
C VAL A 68 -10.30 10.62 -14.93
N PRO A 69 -10.73 11.67 -14.23
CA PRO A 69 -10.82 11.52 -12.78
C PRO A 69 -11.74 10.34 -12.44
N LYS A 70 -12.86 10.25 -13.14
CA LYS A 70 -13.81 9.16 -12.89
C LYS A 70 -13.20 7.80 -13.21
N LEU A 71 -12.54 7.69 -14.36
CA LEU A 71 -11.91 6.44 -14.78
C LEU A 71 -10.92 5.91 -13.75
N VAL A 72 -10.12 6.81 -13.19
CA VAL A 72 -9.12 6.44 -12.19
C VAL A 72 -9.78 6.05 -10.87
N SER A 73 -10.79 6.80 -10.45
CA SER A 73 -11.47 6.52 -9.19
C SER A 73 -12.15 5.16 -9.19
N VAL A 74 -12.82 4.83 -10.28
CA VAL A 74 -13.52 3.55 -10.40
C VAL A 74 -12.57 2.35 -10.45
N GLN A 75 -11.29 2.62 -10.73
CA GLN A 75 -10.27 1.59 -10.81
C GLN A 75 -10.23 0.67 -9.59
N GLN A 76 -10.32 1.27 -8.40
CA GLN A 76 -10.28 0.52 -7.16
C GLN A 76 -11.45 -0.46 -7.05
N ALA A 77 -12.61 -0.05 -7.56
CA ALA A 77 -13.81 -0.89 -7.54
C ALA A 77 -13.67 -2.09 -8.45
N ILE A 78 -13.12 -1.87 -9.64
CA ILE A 78 -12.90 -2.97 -10.58
C ILE A 78 -11.93 -3.97 -9.95
N LYS A 79 -10.85 -3.45 -9.40
CA LYS A 79 -9.84 -4.28 -8.76
C LYS A 79 -10.39 -5.11 -7.60
N PHE A 80 -11.13 -4.46 -6.69
CA PHE A 80 -11.70 -5.14 -5.53
C PHE A 80 -12.76 -6.16 -5.90
N ASN A 81 -13.79 -5.72 -6.64
CA ASN A 81 -14.86 -6.62 -7.05
C ASN A 81 -14.42 -7.63 -8.09
N GLY A 82 -13.59 -7.21 -9.03
CA GLY A 82 -13.10 -8.11 -10.04
C GLY A 82 -12.22 -9.18 -9.42
N GLY A 83 -11.36 -8.75 -8.50
CA GLY A 83 -10.46 -9.69 -7.82
C GLY A 83 -11.27 -10.64 -6.96
N GLY A 84 -12.34 -10.13 -6.36
CA GLY A 84 -13.18 -10.97 -5.52
C GLY A 84 -13.84 -12.05 -6.37
N HIS A 85 -14.29 -11.66 -7.54
CA HIS A 85 -14.95 -12.59 -8.44
C HIS A 85 -13.98 -13.68 -8.88
N ILE A 86 -12.79 -13.25 -9.28
CA ILE A 86 -11.75 -14.17 -9.73
C ILE A 86 -11.38 -15.15 -8.61
N ASN A 87 -11.03 -14.62 -7.45
CA ASN A 87 -10.64 -15.45 -6.31
C ASN A 87 -11.68 -16.48 -5.87
N HIS A 88 -12.92 -16.04 -5.65
CA HIS A 88 -13.96 -16.98 -5.22
C HIS A 88 -14.29 -18.02 -6.27
N SER A 89 -14.31 -17.61 -7.54
CA SER A 89 -14.59 -18.54 -8.63
C SER A 89 -13.58 -19.69 -8.59
N LEU A 90 -12.32 -19.35 -8.31
CA LEU A 90 -11.25 -20.33 -8.24
C LEU A 90 -11.36 -21.15 -6.96
N PHE A 91 -11.78 -20.48 -5.89
CA PHE A 91 -11.93 -21.12 -4.57
C PHE A 91 -12.95 -22.24 -4.61
N TRP A 92 -14.16 -21.93 -5.10
CA TRP A 92 -15.22 -22.94 -5.16
C TRP A 92 -14.73 -24.19 -5.89
N LYS A 93 -13.99 -23.98 -6.98
CA LYS A 93 -13.47 -25.09 -7.76
C LYS A 93 -12.29 -25.86 -7.16
N ASN A 94 -11.50 -25.25 -6.27
CA ASN A 94 -10.41 -26.04 -5.71
C ASN A 94 -10.80 -26.66 -4.35
N LEU A 95 -12.10 -26.84 -4.18
CA LEU A 95 -12.65 -27.48 -2.98
C LEU A 95 -13.58 -28.60 -3.49
N ALA A 96 -13.77 -29.63 -2.66
CA ALA A 96 -14.63 -30.75 -2.98
C ALA A 96 -14.79 -31.66 -1.76
N PRO A 97 -15.95 -32.32 -1.65
CA PRO A 97 -16.20 -33.21 -0.52
C PRO A 97 -15.29 -34.44 -0.63
N GLU A 98 -14.98 -35.04 0.51
CA GLU A 98 -14.11 -36.22 0.56
C GLU A 98 -14.56 -37.34 -0.37
N LYS A 99 -15.82 -37.30 -0.80
CA LYS A 99 -16.35 -38.33 -1.69
C LYS A 99 -16.06 -38.02 -3.15
N SER A 100 -15.80 -36.75 -3.45
CA SER A 100 -15.51 -36.32 -4.81
C SER A 100 -14.04 -35.98 -5.02
N GLY A 101 -13.16 -36.62 -4.26
CA GLY A 101 -11.74 -36.36 -4.40
C GLY A 101 -11.17 -35.34 -3.43
N GLY A 102 -12.02 -34.82 -2.54
CA GLY A 102 -11.55 -33.86 -1.56
C GLY A 102 -10.45 -34.41 -0.68
N GLY A 103 -9.32 -33.72 -0.64
CA GLY A 103 -8.22 -34.17 0.18
C GLY A 103 -7.41 -35.32 -0.38
N LYS A 104 -7.76 -35.78 -1.59
CA LYS A 104 -7.04 -36.89 -2.23
C LYS A 104 -5.83 -36.36 -2.98
N ILE A 105 -4.78 -36.05 -2.23
CA ILE A 105 -3.56 -35.49 -2.82
C ILE A 105 -2.98 -36.35 -3.94
N ASP A 106 -3.10 -37.66 -3.83
CA ASP A 106 -2.55 -38.54 -4.85
C ASP A 106 -3.30 -38.52 -6.16
N GLN A 107 -4.40 -37.75 -6.20
CA GLN A 107 -5.13 -37.62 -7.45
C GLN A 107 -4.46 -36.50 -8.23
N ALA A 108 -3.34 -36.00 -7.69
CA ALA A 108 -2.57 -34.95 -8.35
C ALA A 108 -1.10 -35.36 -8.29
N PRO A 109 -0.75 -36.44 -9.00
CA PRO A 109 0.62 -36.99 -9.05
C PRO A 109 1.71 -36.01 -9.46
N VAL A 110 1.47 -35.30 -10.55
CA VAL A 110 2.45 -34.35 -11.05
C VAL A 110 2.68 -33.21 -10.08
N LEU A 111 1.61 -32.59 -9.61
CA LEU A 111 1.73 -31.48 -8.65
C LEU A 111 2.34 -31.97 -7.35
N LYS A 112 1.88 -33.12 -6.88
CA LYS A 112 2.40 -33.65 -5.61
C LYS A 112 3.90 -33.92 -5.70
N ALA A 113 4.37 -34.42 -6.83
CA ALA A 113 5.79 -34.71 -6.99
C ALA A 113 6.60 -33.40 -6.99
N ALA A 114 6.03 -32.36 -7.59
CA ALA A 114 6.71 -31.07 -7.63
C ALA A 114 6.73 -30.46 -6.24
N ILE A 115 5.67 -30.69 -5.48
CA ILE A 115 5.57 -30.16 -4.13
C ILE A 115 6.63 -30.80 -3.23
N GLU A 116 6.76 -32.13 -3.32
CA GLU A 116 7.74 -32.83 -2.49
C GLU A 116 9.18 -32.46 -2.83
N GLN A 117 9.42 -32.17 -4.10
CA GLN A 117 10.77 -31.80 -4.52
C GLN A 117 11.15 -30.43 -3.95
N ARG A 118 10.15 -29.55 -3.85
CA ARG A 118 10.36 -28.20 -3.35
C ARG A 118 10.41 -28.10 -1.82
N TRP A 119 9.40 -28.65 -1.16
CA TRP A 119 9.34 -28.60 0.30
C TRP A 119 9.82 -29.87 1.01
N GLY A 120 10.22 -30.86 0.24
CA GLY A 120 10.70 -32.11 0.84
C GLY A 120 9.61 -33.16 0.94
N SER A 121 8.43 -32.73 1.38
CA SER A 121 7.30 -33.64 1.49
C SER A 121 6.00 -32.85 1.44
N PHE A 122 4.92 -33.57 1.19
CA PHE A 122 3.60 -32.95 1.11
C PHE A 122 3.23 -32.33 2.45
N ASP A 123 3.52 -33.05 3.54
CA ASP A 123 3.19 -32.52 4.85
C ASP A 123 3.98 -31.29 5.23
N LYS A 124 5.24 -31.23 4.81
CA LYS A 124 6.06 -30.06 5.11
C LYS A 124 5.48 -28.88 4.35
N PHE A 125 5.00 -29.14 3.13
CA PHE A 125 4.42 -28.08 2.33
C PHE A 125 3.19 -27.51 3.04
N LYS A 126 2.37 -28.39 3.61
CA LYS A 126 1.17 -27.96 4.30
C LYS A 126 1.43 -27.12 5.54
N ASP A 127 2.50 -27.45 6.28
CA ASP A 127 2.82 -26.66 7.46
C ASP A 127 3.24 -25.27 7.03
N ALA A 128 4.05 -25.19 5.97
CA ALA A 128 4.51 -23.89 5.47
C ALA A 128 3.32 -23.06 4.98
N PHE A 129 2.38 -23.72 4.32
CA PHE A 129 1.20 -23.05 3.81
C PHE A 129 0.34 -22.54 4.97
N ASN A 130 0.14 -23.41 5.97
CA ASN A 130 -0.64 -23.03 7.14
C ASN A 130 0.00 -21.80 7.79
N THR A 131 1.31 -21.86 7.96
CA THR A 131 2.05 -20.76 8.57
C THR A 131 1.80 -19.46 7.81
N THR A 132 1.83 -19.53 6.49
CA THR A 132 1.60 -18.37 5.63
C THR A 132 0.18 -17.82 5.81
N LEU A 133 -0.82 -18.70 5.85
CA LEU A 133 -2.21 -18.28 6.01
C LEU A 133 -2.39 -17.57 7.34
N LEU A 134 -1.77 -18.11 8.38
CA LEU A 134 -1.89 -17.51 9.70
C LEU A 134 -1.11 -16.21 9.82
N GLY A 135 -0.16 -16.01 8.90
CA GLY A 135 0.64 -14.80 8.93
C GLY A 135 -0.02 -13.63 8.22
N ILE A 136 -1.08 -13.89 7.47
CA ILE A 136 -1.76 -12.82 6.76
C ILE A 136 -2.41 -11.86 7.74
N GLN A 137 -2.13 -10.57 7.57
CA GLN A 137 -2.68 -9.55 8.44
C GLN A 137 -3.89 -8.94 7.75
N GLY A 138 -5.01 -8.91 8.46
CA GLY A 138 -6.22 -8.35 7.89
C GLY A 138 -6.84 -9.37 6.94
N SER A 139 -7.58 -8.87 5.95
CA SER A 139 -8.23 -9.74 4.97
C SER A 139 -7.27 -10.11 3.86
N GLY A 140 -7.31 -11.37 3.44
CA GLY A 140 -6.41 -11.79 2.38
C GLY A 140 -6.59 -13.25 1.98
N TRP A 141 -5.72 -13.70 1.08
CA TRP A 141 -5.74 -15.05 0.57
C TRP A 141 -4.35 -15.66 0.55
N GLY A 142 -4.30 -16.97 0.72
CA GLY A 142 -3.04 -17.70 0.67
C GLY A 142 -3.10 -18.48 -0.64
N TRP A 143 -2.00 -18.50 -1.39
CA TRP A 143 -1.98 -19.20 -2.67
C TRP A 143 -0.76 -20.07 -2.94
N LEU A 144 -0.97 -21.13 -3.72
CA LEU A 144 0.10 -21.98 -4.18
C LEU A 144 0.01 -21.62 -5.67
N VAL A 145 1.12 -21.16 -6.26
CA VAL A 145 1.13 -20.78 -7.68
C VAL A 145 2.32 -21.35 -8.43
N THR A 146 2.22 -21.32 -9.76
CA THR A 146 3.30 -21.82 -10.61
C THR A 146 3.65 -20.74 -11.63
N ASP A 147 4.88 -20.78 -12.13
CA ASP A 147 5.32 -19.78 -13.10
C ASP A 147 5.06 -20.24 -14.54
N GLY A 148 4.37 -21.37 -14.68
CA GLY A 148 4.06 -21.89 -15.99
C GLY A 148 3.67 -23.36 -15.95
N PRO A 149 3.36 -23.97 -17.10
CA PRO A 149 2.99 -25.38 -17.14
C PRO A 149 4.04 -26.27 -16.50
N LYS A 150 3.70 -26.87 -15.37
CA LYS A 150 4.62 -27.73 -14.64
C LYS A 150 5.86 -26.93 -14.23
N GLY A 151 5.67 -25.65 -13.98
CA GLY A 151 6.79 -24.80 -13.60
C GLY A 151 7.14 -24.88 -12.13
N LYS A 152 7.96 -23.94 -11.67
CA LYS A 152 8.37 -23.91 -10.26
C LYS A 152 7.20 -23.43 -9.43
N LEU A 153 7.09 -23.99 -8.24
CA LEU A 153 6.01 -23.67 -7.31
C LEU A 153 6.42 -22.64 -6.26
N ASP A 154 5.47 -21.80 -5.87
CA ASP A 154 5.72 -20.82 -4.83
C ASP A 154 4.45 -20.58 -4.03
N ILE A 155 4.63 -20.27 -2.76
CA ILE A 155 3.51 -19.96 -1.89
C ILE A 155 3.50 -18.45 -1.81
N THR A 156 2.34 -17.83 -2.06
CA THR A 156 2.22 -16.38 -1.99
C THR A 156 0.90 -16.00 -1.32
N THR A 157 0.75 -14.71 -1.04
CA THR A 157 -0.48 -14.19 -0.45
C THR A 157 -0.86 -12.92 -1.20
N THR A 158 -2.14 -12.60 -1.17
CA THR A 158 -2.65 -11.39 -1.80
C THR A 158 -3.52 -10.74 -0.72
N HIS A 159 -3.55 -9.40 -0.72
CA HIS A 159 -4.32 -8.64 0.27
C HIS A 159 -5.73 -8.37 -0.21
N ASP A 160 -6.64 -8.28 0.76
CA ASP A 160 -8.05 -8.05 0.51
C ASP A 160 -8.52 -8.97 -0.61
N GLN A 161 -8.93 -8.41 -1.75
CA GLN A 161 -9.39 -9.26 -2.84
C GLN A 161 -8.49 -9.19 -4.07
N ASP A 162 -7.23 -8.82 -3.90
CA ASP A 162 -6.32 -8.77 -5.04
C ASP A 162 -6.12 -10.19 -5.55
N PRO A 163 -6.16 -10.39 -6.87
CA PRO A 163 -5.96 -11.71 -7.49
C PRO A 163 -4.49 -12.02 -7.73
N VAL A 164 -4.18 -13.27 -8.04
CA VAL A 164 -2.80 -13.64 -8.33
C VAL A 164 -2.47 -13.10 -9.72
N THR A 165 -1.34 -12.43 -9.86
CA THR A 165 -0.91 -11.88 -11.14
C THR A 165 0.53 -12.25 -11.41
N GLY A 166 0.91 -12.33 -12.69
CA GLY A 166 2.27 -12.69 -13.02
C GLY A 166 2.55 -14.16 -12.75
N ALA A 167 1.50 -14.93 -12.51
CA ALA A 167 1.65 -16.35 -12.25
C ALA A 167 0.31 -17.06 -12.39
N ALA A 168 0.34 -18.38 -12.42
CA ALA A 168 -0.87 -19.16 -12.55
C ALA A 168 -1.24 -19.79 -11.20
N PRO A 169 -2.47 -19.53 -10.72
CA PRO A 169 -2.94 -20.07 -9.44
C PRO A 169 -3.19 -21.58 -9.51
N VAL A 170 -2.68 -22.32 -8.52
CA VAL A 170 -2.88 -23.76 -8.46
C VAL A 170 -4.10 -23.98 -7.57
N PHE A 171 -4.07 -23.38 -6.38
CA PHE A 171 -5.23 -23.44 -5.48
C PHE A 171 -5.09 -22.31 -4.47
N GLY A 172 -6.22 -21.89 -3.93
CA GLY A 172 -6.20 -20.81 -2.96
C GLY A 172 -7.07 -21.11 -1.77
N VAL A 173 -6.76 -20.43 -0.67
CA VAL A 173 -7.51 -20.59 0.56
C VAL A 173 -7.85 -19.18 1.03
N ASP A 174 -9.15 -18.92 1.18
CA ASP A 174 -9.66 -17.63 1.61
C ASP A 174 -9.43 -17.44 3.10
N MET A 175 -8.72 -16.39 3.48
CA MET A 175 -8.50 -16.15 4.90
C MET A 175 -9.31 -14.98 5.44
N TRP A 176 -10.24 -14.46 4.65
CA TRP A 176 -11.09 -13.39 5.15
C TRP A 176 -11.84 -14.06 6.31
N GLU A 177 -12.15 -13.32 7.36
CA GLU A 177 -12.83 -13.92 8.50
C GLU A 177 -14.20 -14.51 8.12
N HIS A 178 -14.88 -13.93 7.13
CA HIS A 178 -16.19 -14.45 6.74
C HIS A 178 -16.11 -15.88 6.17
N ALA A 179 -14.91 -16.33 5.85
CA ALA A 179 -14.76 -17.67 5.29
C ALA A 179 -14.73 -18.76 6.36
N TYR A 180 -14.63 -18.37 7.64
CA TYR A 180 -14.55 -19.38 8.67
C TYR A 180 -15.05 -19.00 10.06
N TYR A 181 -15.24 -17.71 10.29
CA TYR A 181 -15.66 -17.23 11.61
C TYR A 181 -16.87 -17.88 12.26
N LEU A 182 -17.94 -18.06 11.52
CA LEU A 182 -19.13 -18.67 12.10
C LEU A 182 -18.86 -20.05 12.70
N GLN A 183 -17.88 -20.76 12.16
CA GLN A 183 -17.58 -22.11 12.64
C GLN A 183 -16.36 -22.23 13.56
N TYR A 184 -15.25 -21.63 13.13
CA TYR A 184 -14.01 -21.70 13.87
C TYR A 184 -13.78 -20.48 14.77
N LEU A 185 -14.67 -19.50 14.66
CA LEU A 185 -14.54 -18.28 15.44
C LEU A 185 -13.16 -17.69 15.11
N ASN A 186 -12.42 -17.26 16.14
CA ASN A 186 -11.09 -16.67 15.94
C ASN A 186 -10.00 -17.70 15.63
N ASP A 187 -10.31 -18.99 15.80
CA ASP A 187 -9.34 -20.05 15.59
C ASP A 187 -9.08 -20.38 14.13
N LYS A 188 -8.40 -19.47 13.44
CA LYS A 188 -8.07 -19.63 12.02
C LYS A 188 -7.09 -20.78 11.79
N ALA A 189 -6.33 -21.15 12.83
CA ALA A 189 -5.38 -22.24 12.69
C ALA A 189 -6.13 -23.56 12.47
N SER A 190 -7.28 -23.72 13.11
CA SER A 190 -8.07 -24.94 12.96
C SER A 190 -8.82 -24.97 11.64
N TYR A 191 -9.11 -23.79 11.11
CA TYR A 191 -9.79 -23.70 9.83
C TYR A 191 -8.79 -24.12 8.77
N ALA A 192 -7.57 -23.60 8.87
CA ALA A 192 -6.52 -23.92 7.91
C ALA A 192 -6.23 -25.41 7.92
N LYS A 193 -6.10 -25.99 9.10
CA LYS A 193 -5.81 -27.41 9.21
C LYS A 193 -6.97 -28.29 8.78
N GLY A 194 -8.17 -27.76 8.91
CA GLY A 194 -9.35 -28.54 8.52
C GLY A 194 -9.62 -28.48 7.03
N ILE A 195 -9.33 -27.36 6.38
CA ILE A 195 -9.65 -27.24 4.96
C ILE A 195 -8.89 -28.23 4.05
N TRP A 196 -7.75 -28.73 4.51
CA TRP A 196 -6.96 -29.70 3.75
C TRP A 196 -7.79 -30.92 3.35
N ASN A 197 -8.77 -31.23 4.18
CA ASN A 197 -9.65 -32.37 3.95
C ASN A 197 -10.57 -32.21 2.74
N VAL A 198 -10.81 -30.97 2.34
CA VAL A 198 -11.68 -30.71 1.18
C VAL A 198 -11.01 -30.03 -0.01
N ILE A 199 -9.69 -30.06 -0.09
CA ILE A 199 -8.99 -29.45 -1.22
C ILE A 199 -9.20 -30.35 -2.46
N ASN A 200 -9.71 -29.78 -3.54
CA ASN A 200 -9.94 -30.54 -4.77
C ASN A 200 -8.61 -30.63 -5.51
N TRP A 201 -7.79 -31.59 -5.10
CA TRP A 201 -6.48 -31.77 -5.71
C TRP A 201 -6.51 -32.08 -7.21
N ALA A 202 -7.56 -32.75 -7.67
CA ALA A 202 -7.66 -33.07 -9.08
C ALA A 202 -7.72 -31.77 -9.89
N GLU A 203 -8.40 -30.77 -9.35
CA GLU A 203 -8.51 -29.48 -10.04
C GLU A 203 -7.15 -28.79 -9.97
N ALA A 204 -6.46 -28.94 -8.85
CA ALA A 204 -5.14 -28.34 -8.68
C ALA A 204 -4.16 -28.94 -9.69
N GLU A 205 -4.26 -30.26 -9.91
CA GLU A 205 -3.39 -30.96 -10.85
C GLU A 205 -3.53 -30.35 -12.25
N ASN A 206 -4.78 -30.13 -12.66
CA ASN A 206 -5.07 -29.56 -13.97
C ASN A 206 -4.52 -28.15 -14.10
N ARG A 207 -4.68 -27.34 -13.06
CA ARG A 207 -4.19 -25.96 -13.12
C ARG A 207 -2.67 -25.90 -13.22
N TYR A 208 -2.01 -26.77 -12.46
CA TYR A 208 -0.55 -26.80 -12.46
C TYR A 208 0.01 -27.27 -13.81
N ILE A 209 -0.61 -28.29 -14.38
CA ILE A 209 -0.16 -28.80 -15.67
C ILE A 209 -0.39 -27.74 -16.74
N ALA A 210 -1.52 -27.05 -16.66
CA ALA A 210 -1.85 -26.00 -17.62
C ALA A 210 -0.95 -24.78 -17.44
N GLY A 211 -0.67 -24.45 -16.18
CA GLY A 211 0.18 -23.31 -15.89
C GLY A 211 -0.29 -22.06 -16.61
N ASP A 212 -1.60 -21.85 -16.66
CA ASP A 212 -2.15 -20.68 -17.32
C ASP A 212 -2.39 -19.54 -16.34
N LYS A 213 -1.61 -18.48 -16.50
CA LYS A 213 -1.71 -17.31 -15.64
C LYS A 213 -3.07 -16.63 -15.81
N GLN B 15 6.06 -4.28 29.91
CA GLN B 15 5.18 -5.14 29.08
C GLN B 15 3.77 -4.59 29.02
N TYR B 16 3.17 -4.67 27.83
CA TYR B 16 1.81 -4.20 27.63
C TYR B 16 0.82 -5.27 28.06
N THR B 17 -0.33 -4.85 28.55
CA THR B 17 -1.35 -5.80 29.00
C THR B 17 -2.71 -5.48 28.41
N LEU B 18 -3.62 -6.44 28.48
CA LEU B 18 -4.97 -6.27 27.97
C LEU B 18 -5.75 -5.45 28.99
N PRO B 19 -6.24 -4.27 28.58
CA PRO B 19 -7.00 -3.41 29.50
C PRO B 19 -8.41 -3.97 29.69
N PRO B 20 -8.87 -4.04 30.94
CA PRO B 20 -10.20 -4.55 31.22
C PRO B 20 -11.25 -3.65 30.55
N LEU B 21 -12.41 -4.21 30.24
CA LEU B 21 -13.48 -3.43 29.63
C LEU B 21 -14.08 -2.58 30.74
N PRO B 22 -14.66 -1.42 30.40
CA PRO B 22 -15.27 -0.53 31.39
C PRO B 22 -16.71 -0.90 31.73
N TYR B 23 -17.15 -2.05 31.24
CA TYR B 23 -18.50 -2.53 31.47
C TYR B 23 -18.56 -4.04 31.23
N PRO B 24 -19.64 -4.70 31.67
CA PRO B 24 -19.82 -6.15 31.51
C PRO B 24 -19.83 -6.52 30.03
N TYR B 25 -19.39 -7.74 29.72
CA TYR B 25 -19.34 -8.23 28.35
C TYR B 25 -20.69 -8.19 27.61
N ASP B 26 -21.78 -8.13 28.37
CA ASP B 26 -23.10 -8.11 27.76
C ASP B 26 -23.78 -6.75 27.90
N ALA B 27 -23.03 -5.79 28.42
CA ALA B 27 -23.56 -4.45 28.66
C ALA B 27 -23.99 -3.69 27.40
N LEU B 28 -23.52 -4.14 26.24
CA LEU B 28 -23.85 -3.47 24.99
C LEU B 28 -24.96 -4.13 24.17
N GLN B 29 -25.53 -5.21 24.69
CA GLN B 29 -26.62 -5.88 23.98
C GLN B 29 -27.81 -4.93 24.03
N PRO B 30 -28.75 -5.07 23.08
CA PRO B 30 -28.74 -6.06 22.00
C PRO B 30 -28.00 -5.59 20.75
N TYR B 31 -27.19 -4.55 20.88
CA TYR B 31 -26.47 -4.02 19.72
C TYR B 31 -25.17 -4.77 19.40
N ILE B 32 -24.51 -5.28 20.44
CA ILE B 32 -23.29 -6.05 20.25
C ILE B 32 -23.38 -7.18 21.27
N SER B 33 -23.48 -8.41 20.77
CA SER B 33 -23.63 -9.59 21.62
C SER B 33 -22.51 -9.81 22.62
N GLN B 34 -22.86 -10.50 23.70
CA GLN B 34 -21.89 -10.80 24.75
C GLN B 34 -20.80 -11.67 24.14
N GLN B 35 -21.18 -12.58 23.24
CA GLN B 35 -20.23 -13.48 22.59
C GLN B 35 -19.13 -12.72 21.87
N ILE B 36 -19.51 -11.76 21.04
CA ILE B 36 -18.55 -10.97 20.28
C ILE B 36 -17.59 -10.23 21.22
N MET B 37 -18.16 -9.52 22.20
CA MET B 37 -17.34 -8.77 23.15
C MET B 37 -16.27 -9.67 23.81
N GLU B 38 -16.67 -10.85 24.26
CA GLU B 38 -15.72 -11.74 24.92
C GLU B 38 -14.61 -12.13 23.94
N LEU B 39 -14.98 -12.63 22.77
CA LEU B 39 -13.99 -13.02 21.77
C LEU B 39 -13.15 -11.83 21.33
N HIS B 40 -13.84 -10.75 20.97
CA HIS B 40 -13.17 -9.53 20.51
C HIS B 40 -12.13 -9.02 21.51
N HIS B 41 -12.46 -9.08 22.79
CA HIS B 41 -11.58 -8.63 23.87
C HIS B 41 -10.54 -9.67 24.29
N LYS B 42 -11.02 -10.80 24.81
CA LYS B 42 -10.15 -11.87 25.30
C LYS B 42 -9.32 -12.57 24.26
N LYS B 43 -9.78 -12.60 23.02
CA LYS B 43 -9.03 -13.28 21.96
C LYS B 43 -8.32 -12.31 21.03
N HIS B 44 -9.09 -11.58 20.23
CA HIS B 44 -8.50 -10.64 19.28
C HIS B 44 -7.61 -9.56 19.89
N HIS B 45 -8.13 -8.78 20.83
CA HIS B 45 -7.31 -7.74 21.42
C HIS B 45 -6.10 -8.35 22.16
N GLN B 46 -6.33 -9.43 22.89
CA GLN B 46 -5.26 -10.10 23.63
C GLN B 46 -4.12 -10.46 22.67
N THR B 47 -4.49 -11.00 21.52
CA THR B 47 -3.52 -11.39 20.52
C THR B 47 -2.66 -10.20 20.09
N TYR B 48 -3.28 -9.05 19.84
CA TYR B 48 -2.51 -7.87 19.43
C TYR B 48 -1.56 -7.45 20.55
N VAL B 49 -2.01 -7.62 21.79
CA VAL B 49 -1.22 -7.27 22.96
C VAL B 49 0.02 -8.17 23.06
N ASN B 50 -0.19 -9.47 22.86
CA ASN B 50 0.89 -10.44 22.92
C ASN B 50 1.86 -10.19 21.75
N GLY B 51 1.31 -9.99 20.55
CA GLY B 51 2.14 -9.75 19.38
C GLY B 51 2.95 -8.47 19.49
N LEU B 52 2.41 -7.48 20.19
CA LEU B 52 3.10 -6.20 20.37
C LEU B 52 4.32 -6.37 21.28
N ASN B 53 4.11 -6.99 22.44
CA ASN B 53 5.21 -7.22 23.36
C ASN B 53 6.31 -8.02 22.68
N ALA B 54 5.94 -9.12 22.02
CA ALA B 54 6.93 -9.95 21.34
C ALA B 54 7.61 -9.18 20.22
N ALA B 55 6.89 -8.29 19.57
CA ALA B 55 7.46 -7.50 18.48
C ALA B 55 8.49 -6.51 19.00
N LEU B 56 8.13 -5.77 20.05
CA LEU B 56 9.05 -4.79 20.62
C LEU B 56 10.30 -5.47 21.18
N GLU B 57 10.12 -6.70 21.66
CA GLU B 57 11.24 -7.45 22.20
C GLU B 57 12.27 -7.71 21.10
N ALA B 58 11.76 -8.04 19.92
CA ALA B 58 12.63 -8.30 18.77
C ALA B 58 13.38 -7.06 18.34
N GLN B 59 12.66 -5.95 18.17
CA GLN B 59 13.28 -4.71 17.74
C GLN B 59 14.37 -4.29 18.73
N LYS B 60 14.24 -4.66 19.99
CA LYS B 60 15.24 -4.32 21.00
C LYS B 60 16.54 -5.08 20.78
N LYS B 61 16.47 -6.40 20.86
CA LYS B 61 17.64 -7.25 20.66
C LYS B 61 18.24 -6.99 19.28
N ALA B 62 17.37 -6.79 18.29
CA ALA B 62 17.81 -6.54 16.93
C ALA B 62 18.64 -5.26 16.85
N ALA B 63 18.25 -4.25 17.62
CA ALA B 63 18.96 -2.97 17.63
C ALA B 63 20.30 -3.08 18.35
N GLU B 64 20.32 -3.80 19.46
CA GLU B 64 21.53 -3.99 20.26
C GLU B 64 22.52 -4.87 19.50
N ALA B 65 22.04 -5.53 18.46
CA ALA B 65 22.87 -6.41 17.64
C ALA B 65 23.33 -5.72 16.37
N THR B 66 22.87 -4.48 16.17
CA THR B 66 23.23 -3.71 14.98
C THR B 66 22.77 -4.45 13.72
N ASP B 67 21.64 -5.13 13.85
CA ASP B 67 21.08 -5.91 12.75
C ASP B 67 19.93 -5.13 12.10
N VAL B 68 20.25 -4.25 11.15
CA VAL B 68 19.25 -3.43 10.50
C VAL B 68 18.19 -4.26 9.78
N PRO B 69 18.62 -5.32 9.06
CA PRO B 69 17.65 -6.17 8.36
C PRO B 69 16.56 -6.68 9.31
N LYS B 70 16.96 -7.11 10.50
CA LYS B 70 16.01 -7.62 11.49
C LYS B 70 15.19 -6.47 12.08
N LEU B 71 15.83 -5.32 12.28
CA LEU B 71 15.16 -4.14 12.82
C LEU B 71 14.01 -3.70 11.93
N VAL B 72 14.25 -3.71 10.62
CA VAL B 72 13.23 -3.30 9.68
C VAL B 72 12.15 -4.37 9.52
N SER B 73 12.55 -5.63 9.63
CA SER B 73 11.60 -6.73 9.49
C SER B 73 10.54 -6.76 10.59
N VAL B 74 10.88 -6.33 11.80
CA VAL B 74 9.93 -6.34 12.91
C VAL B 74 8.99 -5.14 12.83
N GLN B 75 9.35 -4.15 12.04
CA GLN B 75 8.56 -2.95 11.86
C GLN B 75 7.07 -3.22 11.61
N GLN B 76 6.78 -4.15 10.70
CA GLN B 76 5.41 -4.50 10.36
C GLN B 76 4.63 -5.04 11.54
N ALA B 77 5.28 -5.91 12.32
CA ALA B 77 4.63 -6.52 13.48
C ALA B 77 4.32 -5.46 14.54
N ILE B 78 5.23 -4.50 14.70
CA ILE B 78 5.02 -3.45 15.68
C ILE B 78 3.85 -2.57 15.24
N LYS B 79 3.77 -2.31 13.94
CA LYS B 79 2.70 -1.48 13.39
C LYS B 79 1.34 -2.17 13.46
N PHE B 80 1.30 -3.44 13.10
CA PHE B 80 0.05 -4.21 13.10
C PHE B 80 -0.45 -4.43 14.52
N ASN B 81 0.41 -4.98 15.38
CA ASN B 81 -0.02 -5.24 16.75
C ASN B 81 -0.16 -3.97 17.57
N GLY B 82 0.75 -3.02 17.38
CA GLY B 82 0.69 -1.78 18.13
C GLY B 82 -0.58 -1.04 17.75
N GLY B 83 -0.86 -0.97 16.45
CA GLY B 83 -2.05 -0.30 15.98
C GLY B 83 -3.26 -1.04 16.51
N GLY B 84 -3.17 -2.37 16.48
CA GLY B 84 -4.26 -3.20 16.97
C GLY B 84 -4.58 -2.90 18.42
N HIS B 85 -3.53 -2.71 19.21
CA HIS B 85 -3.70 -2.43 20.62
C HIS B 85 -4.30 -1.04 20.84
N ILE B 86 -3.83 -0.07 20.06
CA ILE B 86 -4.31 1.31 20.14
C ILE B 86 -5.79 1.46 19.78
N ASN B 87 -6.15 0.92 18.62
CA ASN B 87 -7.51 1.02 18.11
C ASN B 87 -8.52 0.37 19.04
N HIS B 88 -8.24 -0.86 19.47
CA HIS B 88 -9.17 -1.54 20.34
C HIS B 88 -9.27 -0.87 21.72
N SER B 89 -8.14 -0.44 22.27
CA SER B 89 -8.16 0.23 23.57
C SER B 89 -9.06 1.48 23.50
N LEU B 90 -9.05 2.17 22.36
CA LEU B 90 -9.89 3.36 22.19
C LEU B 90 -11.33 2.96 21.97
N PHE B 91 -11.52 1.84 21.26
CA PHE B 91 -12.84 1.32 20.93
C PHE B 91 -13.66 1.02 22.19
N TRP B 92 -13.09 0.20 23.08
CA TRP B 92 -13.81 -0.15 24.30
C TRP B 92 -14.26 1.11 25.03
N LYS B 93 -13.38 2.11 25.09
CA LYS B 93 -13.70 3.36 25.75
C LYS B 93 -14.68 4.29 25.05
N ASN B 94 -14.81 4.21 23.72
CA ASN B 94 -15.80 5.08 23.10
C ASN B 94 -17.11 4.32 22.83
N LEU B 95 -17.37 3.34 23.69
CA LEU B 95 -18.58 2.53 23.67
C LEU B 95 -19.10 2.56 25.13
N ALA B 96 -20.41 2.43 25.29
CA ALA B 96 -21.03 2.42 26.62
C ALA B 96 -22.48 1.97 26.53
N PRO B 97 -22.97 1.26 27.57
CA PRO B 97 -24.36 0.79 27.58
C PRO B 97 -25.31 1.97 27.56
N GLU B 98 -26.50 1.77 27.02
CA GLU B 98 -27.50 2.83 26.94
C GLU B 98 -27.81 3.49 28.27
N LYS B 99 -28.06 2.68 29.31
CA LYS B 99 -28.39 3.22 30.62
C LYS B 99 -27.21 3.92 31.28
N SER B 100 -26.10 4.05 30.55
CA SER B 100 -24.90 4.70 31.09
C SER B 100 -24.33 5.74 30.13
N GLY B 101 -25.20 6.40 29.37
CA GLY B 101 -24.73 7.41 28.43
C GLY B 101 -24.52 6.95 27.00
N GLY B 102 -24.60 5.65 26.76
CA GLY B 102 -24.42 5.14 25.41
C GLY B 102 -25.42 5.71 24.44
N GLY B 103 -24.94 6.23 23.32
CA GLY B 103 -25.82 6.80 22.32
C GLY B 103 -26.41 8.14 22.70
N LYS B 104 -26.00 8.66 23.84
CA LYS B 104 -26.50 9.95 24.33
C LYS B 104 -25.70 11.12 23.78
N ILE B 105 -25.97 11.47 22.53
CA ILE B 105 -25.28 12.56 21.86
C ILE B 105 -25.31 13.88 22.65
N ASP B 106 -26.37 14.11 23.42
CA ASP B 106 -26.45 15.34 24.19
C ASP B 106 -25.48 15.43 25.35
N GLN B 107 -24.73 14.37 25.60
CA GLN B 107 -23.76 14.42 26.68
C GLN B 107 -22.42 14.90 26.13
N ALA B 108 -22.43 15.35 24.88
CA ALA B 108 -21.23 15.87 24.24
C ALA B 108 -21.59 17.21 23.58
N PRO B 109 -22.01 18.20 24.39
CA PRO B 109 -22.39 19.53 23.90
C PRO B 109 -21.45 20.18 22.89
N VAL B 110 -20.17 20.28 23.25
CA VAL B 110 -19.18 20.89 22.38
C VAL B 110 -18.98 20.14 21.07
N LEU B 111 -18.80 18.82 21.17
CA LEU B 111 -18.61 17.99 19.98
C LEU B 111 -19.85 18.00 19.09
N LYS B 112 -21.03 17.86 19.69
CA LYS B 112 -22.27 17.85 18.92
C LYS B 112 -22.38 19.12 18.11
N ALA B 113 -22.15 20.25 18.76
CA ALA B 113 -22.23 21.55 18.09
C ALA B 113 -21.27 21.60 16.92
N ALA B 114 -20.04 21.11 17.12
CA ALA B 114 -19.05 21.12 16.04
C ALA B 114 -19.48 20.22 14.89
N ILE B 115 -20.08 19.08 15.22
CA ILE B 115 -20.54 18.16 14.19
C ILE B 115 -21.67 18.81 13.39
N GLU B 116 -22.60 19.47 14.09
CA GLU B 116 -23.70 20.12 13.38
C GLU B 116 -23.15 21.20 12.44
N GLN B 117 -22.12 21.92 12.88
CA GLN B 117 -21.53 22.96 12.05
C GLN B 117 -20.83 22.41 10.82
N ARG B 118 -20.17 21.27 10.99
CA ARG B 118 -19.43 20.63 9.91
C ARG B 118 -20.32 19.92 8.89
N TRP B 119 -21.27 19.13 9.37
CA TRP B 119 -22.14 18.38 8.48
C TRP B 119 -23.55 18.94 8.28
N GLY B 120 -23.90 19.97 9.04
CA GLY B 120 -25.22 20.55 8.92
C GLY B 120 -26.14 20.04 10.01
N SER B 121 -25.92 18.78 10.41
CA SER B 121 -26.72 18.18 11.44
C SER B 121 -26.09 16.87 11.90
N PHE B 122 -26.49 16.41 13.08
CA PHE B 122 -25.97 15.16 13.63
C PHE B 122 -26.41 14.01 12.72
N ASP B 123 -27.63 14.10 12.20
CA ASP B 123 -28.15 13.05 11.33
C ASP B 123 -27.36 12.94 10.02
N LYS B 124 -26.98 14.07 9.43
CA LYS B 124 -26.21 14.07 8.20
C LYS B 124 -24.82 13.53 8.47
N PHE B 125 -24.31 13.77 9.67
CA PHE B 125 -23.00 13.26 10.02
C PHE B 125 -23.07 11.72 10.05
N LYS B 126 -24.11 11.19 10.68
CA LYS B 126 -24.28 9.74 10.76
C LYS B 126 -24.33 9.10 9.37
N ASP B 127 -25.07 9.72 8.46
CA ASP B 127 -25.17 9.21 7.09
C ASP B 127 -23.77 9.14 6.48
N ALA B 128 -23.00 10.21 6.63
CA ALA B 128 -21.65 10.27 6.09
C ALA B 128 -20.77 9.19 6.71
N PHE B 129 -20.90 9.01 8.03
CA PHE B 129 -20.10 8.02 8.73
C PHE B 129 -20.48 6.60 8.29
N ASN B 130 -21.78 6.31 8.27
CA ASN B 130 -22.22 4.98 7.85
C ASN B 130 -21.74 4.70 6.43
N THR B 131 -21.93 5.66 5.55
CA THR B 131 -21.51 5.51 4.16
C THR B 131 -20.02 5.14 4.15
N THR B 132 -19.23 5.88 4.93
CA THR B 132 -17.80 5.61 5.05
C THR B 132 -17.50 4.22 5.62
N LEU B 133 -18.20 3.83 6.68
CA LEU B 133 -17.97 2.50 7.28
C LEU B 133 -18.25 1.39 6.27
N LEU B 134 -19.38 1.48 5.59
CA LEU B 134 -19.75 0.48 4.60
C LEU B 134 -18.85 0.52 3.37
N GLY B 135 -18.13 1.62 3.18
CA GLY B 135 -17.24 1.74 2.03
C GLY B 135 -15.89 1.06 2.20
N ILE B 136 -15.53 0.79 3.44
CA ILE B 136 -14.26 0.14 3.74
C ILE B 136 -14.14 -1.20 3.04
N GLN B 137 -13.04 -1.40 2.31
CA GLN B 137 -12.79 -2.65 1.60
C GLN B 137 -11.83 -3.50 2.41
N GLY B 138 -12.24 -4.71 2.77
CA GLY B 138 -11.39 -5.57 3.56
C GLY B 138 -11.50 -5.19 5.02
N SER B 139 -10.42 -5.38 5.79
CA SER B 139 -10.43 -5.05 7.21
C SER B 139 -9.97 -3.62 7.45
N GLY B 140 -10.70 -2.91 8.30
CA GLY B 140 -10.34 -1.54 8.59
C GLY B 140 -11.20 -0.92 9.68
N TRP B 141 -10.96 0.37 9.92
CA TRP B 141 -11.68 1.12 10.94
C TRP B 141 -12.18 2.44 10.39
N GLY B 142 -13.30 2.90 10.94
CA GLY B 142 -13.87 4.19 10.56
C GLY B 142 -13.61 5.10 11.74
N TRP B 143 -13.17 6.33 11.47
CA TRP B 143 -12.89 7.27 12.53
C TRP B 143 -13.38 8.70 12.32
N LEU B 144 -13.66 9.36 13.43
CA LEU B 144 -14.01 10.76 13.45
C LEU B 144 -12.79 11.33 14.15
N VAL B 145 -12.16 12.34 13.57
CA VAL B 145 -10.99 12.95 14.20
C VAL B 145 -11.06 14.47 14.18
N THR B 146 -10.15 15.11 14.90
CA THR B 146 -10.07 16.56 14.97
C THR B 146 -8.59 16.89 14.77
N ASP B 147 -8.28 18.07 14.24
CA ASP B 147 -6.88 18.45 14.01
C ASP B 147 -6.26 19.12 15.22
N GLY B 148 -7.01 19.15 16.32
CA GLY B 148 -6.53 19.76 17.54
C GLY B 148 -7.66 19.94 18.55
N PRO B 149 -7.37 20.47 19.75
CA PRO B 149 -8.43 20.66 20.77
C PRO B 149 -9.55 21.54 20.21
N LYS B 150 -10.75 20.98 20.14
CA LYS B 150 -11.91 21.68 19.61
C LYS B 150 -11.60 22.21 18.21
N GLY B 151 -10.87 21.40 17.43
CA GLY B 151 -10.49 21.80 16.09
C GLY B 151 -11.49 21.39 15.02
N LYS B 152 -11.05 21.35 13.77
CA LYS B 152 -11.91 20.96 12.66
C LYS B 152 -12.09 19.45 12.63
N LEU B 153 -13.30 19.01 12.34
CA LEU B 153 -13.61 17.59 12.32
C LEU B 153 -13.50 16.97 10.94
N ASP B 154 -13.15 15.70 10.90
CA ASP B 154 -13.06 14.98 9.65
C ASP B 154 -13.35 13.51 9.89
N ILE B 155 -13.83 12.84 8.84
CA ILE B 155 -14.10 11.43 8.90
C ILE B 155 -13.01 10.78 8.08
N THR B 156 -12.34 9.79 8.66
CA THR B 156 -11.29 9.08 7.95
C THR B 156 -11.40 7.59 8.24
N THR B 157 -10.59 6.80 7.55
CA THR B 157 -10.57 5.37 7.76
C THR B 157 -9.12 4.94 7.75
N THR B 158 -8.87 3.79 8.34
CA THR B 158 -7.53 3.22 8.38
C THR B 158 -7.73 1.76 8.00
N HIS B 159 -6.73 1.19 7.35
CA HIS B 159 -6.78 -0.20 6.89
C HIS B 159 -6.13 -1.12 7.92
N ASP B 160 -6.61 -2.37 7.98
CA ASP B 160 -6.12 -3.36 8.91
C ASP B 160 -6.11 -2.79 10.33
N GLN B 161 -4.94 -2.76 10.96
CA GLN B 161 -4.85 -2.22 12.31
C GLN B 161 -4.09 -0.90 12.37
N ASP B 162 -3.95 -0.22 11.24
CA ASP B 162 -3.24 1.06 11.27
C ASP B 162 -4.02 2.01 12.18
N PRO B 163 -3.33 2.72 13.08
CA PRO B 163 -4.03 3.66 13.98
C PRO B 163 -4.11 5.04 13.32
N VAL B 164 -4.91 5.93 13.89
CA VAL B 164 -5.04 7.29 13.37
C VAL B 164 -3.73 8.01 13.70
N THR B 165 -3.17 8.70 12.71
CA THR B 165 -1.93 9.45 12.90
C THR B 165 -2.06 10.83 12.27
N GLY B 166 -1.39 11.81 12.86
CA GLY B 166 -1.44 13.16 12.32
C GLY B 166 -2.69 13.90 12.76
N ALA B 167 -3.55 13.21 13.50
CA ALA B 167 -4.79 13.80 13.99
C ALA B 167 -5.16 13.15 15.30
N ALA B 168 -6.11 13.73 16.01
CA ALA B 168 -6.56 13.19 17.29
C ALA B 168 -7.87 12.44 17.11
N PRO B 169 -7.90 11.16 17.51
CA PRO B 169 -9.10 10.32 17.39
C PRO B 169 -10.20 10.74 18.36
N VAL B 170 -11.41 10.90 17.86
CA VAL B 170 -12.53 11.27 18.72
C VAL B 170 -13.25 9.97 19.08
N PHE B 171 -13.56 9.16 18.08
CA PHE B 171 -14.18 7.85 18.32
C PHE B 171 -14.04 7.00 17.05
N GLY B 172 -13.96 5.69 17.25
CA GLY B 172 -13.83 4.81 16.11
C GLY B 172 -14.80 3.64 16.15
N VAL B 173 -15.02 3.04 14.99
CA VAL B 173 -15.89 1.90 14.86
C VAL B 173 -15.11 0.86 14.07
N ASP B 174 -14.95 -0.30 14.70
CA ASP B 174 -14.22 -1.42 14.13
C ASP B 174 -15.06 -2.06 13.03
N MET B 175 -14.55 -2.08 11.82
CA MET B 175 -15.31 -2.66 10.73
C MET B 175 -14.72 -4.02 10.31
N TRP B 176 -13.84 -4.59 11.13
CA TRP B 176 -13.29 -5.92 10.84
C TRP B 176 -14.49 -6.86 10.99
N GLU B 177 -14.58 -7.87 10.14
CA GLU B 177 -15.70 -8.79 10.21
C GLU B 177 -15.92 -9.41 11.58
N HIS B 178 -14.85 -9.68 12.31
CA HIS B 178 -14.99 -10.29 13.64
C HIS B 178 -15.67 -9.38 14.65
N ALA B 179 -15.88 -8.12 14.29
CA ALA B 179 -16.52 -7.19 15.21
C ALA B 179 -18.04 -7.28 15.15
N TYR B 180 -18.56 -7.98 14.15
CA TYR B 180 -20.02 -8.08 14.02
C TYR B 180 -20.60 -9.34 13.38
N TYR B 181 -19.77 -10.11 12.68
CA TYR B 181 -20.28 -11.29 11.98
C TYR B 181 -21.13 -12.28 12.76
N LEU B 182 -20.75 -12.58 14.00
CA LEU B 182 -21.51 -13.55 14.79
C LEU B 182 -22.96 -13.14 15.00
N GLN B 183 -23.21 -11.83 15.10
CA GLN B 183 -24.56 -11.34 15.32
C GLN B 183 -25.25 -10.88 14.05
N TYR B 184 -24.54 -10.07 13.26
CA TYR B 184 -25.10 -9.51 12.04
C TYR B 184 -24.75 -10.23 10.76
N LEU B 185 -23.89 -11.24 10.85
CA LEU B 185 -23.48 -11.98 9.66
C LEU B 185 -22.93 -10.98 8.65
N ASN B 186 -23.32 -11.11 7.40
CA ASN B 186 -22.85 -10.22 6.35
C ASN B 186 -23.53 -8.84 6.37
N ASP B 187 -24.57 -8.68 7.19
CA ASP B 187 -25.31 -7.41 7.23
C ASP B 187 -24.64 -6.30 8.03
N LYS B 188 -23.51 -5.81 7.51
CA LYS B 188 -22.77 -4.74 8.16
C LYS B 188 -23.57 -3.44 8.26
N ALA B 189 -24.56 -3.28 7.38
CA ALA B 189 -25.38 -2.07 7.43
C ALA B 189 -26.16 -2.03 8.75
N SER B 190 -26.68 -3.17 9.18
CA SER B 190 -27.43 -3.23 10.43
C SER B 190 -26.48 -3.02 11.61
N TYR B 191 -25.24 -3.43 11.44
CA TYR B 191 -24.25 -3.26 12.50
C TYR B 191 -23.95 -1.78 12.67
N ALA B 192 -23.64 -1.10 11.57
CA ALA B 192 -23.34 0.33 11.63
C ALA B 192 -24.51 1.08 12.24
N LYS B 193 -25.72 0.72 11.81
CA LYS B 193 -26.94 1.35 12.30
C LYS B 193 -27.12 1.18 13.80
N GLY B 194 -26.87 -0.03 14.29
CA GLY B 194 -27.04 -0.29 15.70
C GLY B 194 -25.98 0.24 16.64
N ILE B 195 -24.75 0.38 16.18
CA ILE B 195 -23.69 0.82 17.08
C ILE B 195 -23.86 2.25 17.61
N TRP B 196 -24.65 3.06 16.91
CA TRP B 196 -24.88 4.44 17.34
C TRP B 196 -25.53 4.48 18.72
N ASN B 197 -26.23 3.41 19.08
CA ASN B 197 -26.92 3.34 20.36
C ASN B 197 -26.00 3.10 21.55
N VAL B 198 -24.78 2.65 21.27
CA VAL B 198 -23.84 2.41 22.36
C VAL B 198 -22.57 3.22 22.22
N ILE B 199 -22.61 4.31 21.47
CA ILE B 199 -21.44 5.16 21.32
C ILE B 199 -21.32 5.99 22.60
N ASN B 200 -20.14 5.97 23.22
CA ASN B 200 -19.91 6.73 24.46
C ASN B 200 -19.59 8.18 24.11
N TRP B 201 -20.61 9.01 23.91
CA TRP B 201 -20.37 10.41 23.55
C TRP B 201 -19.61 11.23 24.60
N ALA B 202 -19.78 10.89 25.87
CA ALA B 202 -19.09 11.62 26.94
C ALA B 202 -17.58 11.48 26.73
N GLU B 203 -17.17 10.30 26.28
CA GLU B 203 -15.75 10.06 26.05
C GLU B 203 -15.31 10.78 24.76
N ALA B 204 -16.17 10.77 23.75
CA ALA B 204 -15.83 11.45 22.51
C ALA B 204 -15.64 12.94 22.79
N GLU B 205 -16.53 13.48 23.62
CA GLU B 205 -16.46 14.88 24.00
C GLU B 205 -15.11 15.22 24.63
N ASN B 206 -14.64 14.39 25.56
CA ASN B 206 -13.36 14.65 26.20
C ASN B 206 -12.22 14.61 25.19
N ARG B 207 -12.22 13.60 24.34
CA ARG B 207 -11.17 13.50 23.33
C ARG B 207 -11.17 14.70 22.40
N TYR B 208 -12.37 15.13 21.99
CA TYR B 208 -12.45 16.27 21.08
C TYR B 208 -11.90 17.54 21.73
N ILE B 209 -12.32 17.82 22.96
CA ILE B 209 -11.85 19.02 23.65
C ILE B 209 -10.35 18.96 23.90
N ALA B 210 -9.85 17.76 24.21
CA ALA B 210 -8.43 17.56 24.46
C ALA B 210 -7.61 17.58 23.17
N GLY B 211 -8.18 17.00 22.11
CA GLY B 211 -7.50 16.95 20.84
C GLY B 211 -6.08 16.45 20.92
N ASP B 212 -5.84 15.43 21.73
CA ASP B 212 -4.50 14.89 21.88
C ASP B 212 -4.05 13.99 20.73
N LYS B 213 -3.27 14.55 19.81
CA LYS B 213 -2.77 13.78 18.68
C LYS B 213 -1.91 12.62 19.14
N GLN C 15 -9.59 9.84 -27.41
CA GLN C 15 -8.12 9.79 -27.55
C GLN C 15 -7.49 10.95 -26.79
N TYR C 16 -6.76 10.62 -25.72
CA TYR C 16 -6.13 11.64 -24.90
C TYR C 16 -4.89 12.23 -25.55
N THR C 17 -4.65 13.50 -25.29
CA THR C 17 -3.50 14.18 -25.86
C THR C 17 -2.81 15.03 -24.82
N LEU C 18 -1.56 15.40 -25.10
CA LEU C 18 -0.78 16.23 -24.20
C LEU C 18 -1.21 17.68 -24.30
N PRO C 19 -1.70 18.27 -23.20
CA PRO C 19 -2.13 19.67 -23.27
C PRO C 19 -0.92 20.59 -23.39
N PRO C 20 -0.99 21.59 -24.27
CA PRO C 20 0.14 22.51 -24.41
C PRO C 20 0.32 23.29 -23.11
N LEU C 21 1.51 23.83 -22.89
CA LEU C 21 1.74 24.62 -21.70
C LEU C 21 1.10 25.97 -21.94
N PRO C 22 0.70 26.67 -20.87
CA PRO C 22 0.07 27.98 -21.05
C PRO C 22 1.11 29.11 -21.12
N TYR C 23 2.39 28.71 -21.19
CA TYR C 23 3.50 29.65 -21.25
C TYR C 23 4.73 28.98 -21.87
N PRO C 24 5.71 29.78 -22.35
CA PRO C 24 6.92 29.23 -22.95
C PRO C 24 7.67 28.31 -21.98
N TYR C 25 8.49 27.42 -22.53
CA TYR C 25 9.26 26.47 -21.73
C TYR C 25 10.28 27.11 -20.79
N ASP C 26 10.68 28.35 -21.07
CA ASP C 26 11.65 29.03 -20.23
C ASP C 26 11.01 30.12 -19.37
N ALA C 27 9.68 30.25 -19.48
CA ALA C 27 8.97 31.29 -18.76
C ALA C 27 8.99 31.19 -17.23
N LEU C 28 9.36 30.03 -16.69
CA LEU C 28 9.39 29.85 -15.24
C LEU C 28 10.80 29.97 -14.65
N GLN C 29 11.77 30.31 -15.49
CA GLN C 29 13.13 30.47 -14.97
C GLN C 29 13.11 31.74 -14.13
N PRO C 30 14.03 31.86 -13.17
CA PRO C 30 15.06 30.88 -12.84
C PRO C 30 14.60 29.86 -11.79
N TYR C 31 13.30 29.70 -11.60
CA TYR C 31 12.79 28.78 -10.59
C TYR C 31 12.71 27.33 -11.05
N ILE C 32 12.45 27.16 -12.35
CA ILE C 32 12.38 25.85 -12.97
C ILE C 32 12.97 26.07 -14.34
N SER C 33 14.09 25.41 -14.60
CA SER C 33 14.78 25.58 -15.87
C SER C 33 13.99 25.15 -17.09
N GLN C 34 14.40 25.67 -18.24
CA GLN C 34 13.77 25.35 -19.50
C GLN C 34 13.97 23.86 -19.79
N GLN C 35 15.17 23.37 -19.50
CA GLN C 35 15.48 21.96 -19.73
C GLN C 35 14.51 21.07 -18.96
N ILE C 36 14.26 21.41 -17.70
CA ILE C 36 13.34 20.63 -16.88
C ILE C 36 11.93 20.67 -17.47
N MET C 37 11.45 21.86 -17.76
CA MET C 37 10.13 22.02 -18.33
C MET C 37 9.94 21.20 -19.61
N GLU C 38 10.91 21.26 -20.52
CA GLU C 38 10.84 20.51 -21.78
C GLU C 38 10.76 19.00 -21.55
N LEU C 39 11.63 18.49 -20.68
CA LEU C 39 11.63 17.05 -20.39
C LEU C 39 10.38 16.63 -19.63
N HIS C 40 10.06 17.39 -18.58
CA HIS C 40 8.90 17.09 -17.74
C HIS C 40 7.60 17.04 -18.54
N HIS C 41 7.43 17.99 -19.44
CA HIS C 41 6.23 18.09 -20.27
C HIS C 41 6.27 17.18 -21.49
N LYS C 42 7.28 17.36 -22.34
CA LYS C 42 7.39 16.58 -23.57
C LYS C 42 7.75 15.10 -23.41
N LYS C 43 8.42 14.75 -22.33
CA LYS C 43 8.79 13.35 -22.13
C LYS C 43 7.90 12.67 -21.09
N HIS C 44 8.08 13.05 -19.83
CA HIS C 44 7.31 12.47 -18.73
C HIS C 44 5.81 12.55 -18.88
N HIS C 45 5.27 13.76 -18.98
CA HIS C 45 3.82 13.90 -19.12
C HIS C 45 3.33 13.12 -20.35
N GLN C 46 4.03 13.26 -21.46
CA GLN C 46 3.65 12.57 -22.69
C GLN C 46 3.56 11.05 -22.44
N THR C 47 4.51 10.52 -21.68
CA THR C 47 4.54 9.10 -21.37
C THR C 47 3.28 8.62 -20.65
N TYR C 48 2.76 9.45 -19.74
CA TYR C 48 1.56 9.07 -19.01
C TYR C 48 0.35 9.14 -19.95
N VAL C 49 0.36 10.10 -20.86
CA VAL C 49 -0.72 10.23 -21.83
C VAL C 49 -0.76 8.97 -22.67
N ASN C 50 0.37 8.59 -23.24
CA ASN C 50 0.46 7.37 -24.05
C ASN C 50 0.06 6.15 -23.23
N GLY C 51 0.54 6.11 -21.99
CA GLY C 51 0.24 4.99 -21.11
C GLY C 51 -1.25 4.87 -20.81
N LEU C 52 -1.92 6.01 -20.66
CA LEU C 52 -3.35 6.02 -20.37
C LEU C 52 -4.13 5.51 -21.58
N ASN C 53 -3.78 6.03 -22.76
CA ASN C 53 -4.44 5.62 -24.00
C ASN C 53 -4.31 4.10 -24.18
N ALA C 54 -3.11 3.57 -24.03
CA ALA C 54 -2.88 2.14 -24.21
C ALA C 54 -3.63 1.29 -23.17
N ALA C 55 -3.60 1.72 -21.91
CA ALA C 55 -4.28 0.98 -20.85
C ALA C 55 -5.79 0.91 -21.09
N LEU C 56 -6.36 2.03 -21.54
CA LEU C 56 -7.80 2.08 -21.80
C LEU C 56 -8.22 1.17 -22.96
N GLU C 57 -7.38 1.08 -23.98
CA GLU C 57 -7.69 0.23 -25.12
C GLU C 57 -7.60 -1.24 -24.69
N ALA C 58 -6.59 -1.56 -23.88
CA ALA C 58 -6.44 -2.93 -23.40
C ALA C 58 -7.60 -3.28 -22.47
N GLN C 59 -8.12 -2.28 -21.78
CA GLN C 59 -9.24 -2.48 -20.87
C GLN C 59 -10.52 -2.79 -21.64
N LYS C 60 -10.75 -2.09 -22.73
CA LYS C 60 -11.95 -2.33 -23.53
C LYS C 60 -11.90 -3.71 -24.19
N LYS C 61 -10.73 -4.08 -24.70
CA LYS C 61 -10.57 -5.38 -25.34
C LYS C 61 -10.79 -6.52 -24.36
N ALA C 62 -10.35 -6.33 -23.11
CA ALA C 62 -10.51 -7.36 -22.10
C ALA C 62 -11.97 -7.48 -21.70
N ALA C 63 -12.65 -6.33 -21.56
CA ALA C 63 -14.05 -6.32 -21.17
C ALA C 63 -14.93 -7.00 -22.22
N GLU C 64 -14.58 -6.81 -23.49
CA GLU C 64 -15.36 -7.40 -24.57
C GLU C 64 -15.05 -8.89 -24.71
N ALA C 65 -13.96 -9.33 -24.11
CA ALA C 65 -13.57 -10.74 -24.17
C ALA C 65 -13.91 -11.45 -22.87
N THR C 66 -14.60 -10.75 -21.98
CA THR C 66 -15.00 -11.33 -20.70
C THR C 66 -13.78 -11.78 -19.92
N ASP C 67 -12.66 -11.09 -20.12
CA ASP C 67 -11.41 -11.43 -19.43
C ASP C 67 -11.26 -10.62 -18.16
N VAL C 68 -11.77 -11.16 -17.05
CA VAL C 68 -11.68 -10.45 -15.77
C VAL C 68 -10.24 -10.30 -15.28
N PRO C 69 -9.42 -11.35 -15.42
CA PRO C 69 -8.04 -11.26 -14.97
C PRO C 69 -7.29 -10.12 -15.68
N LYS C 70 -7.44 -10.04 -17.00
CA LYS C 70 -6.79 -9.01 -17.79
C LYS C 70 -7.35 -7.63 -17.45
N LEU C 71 -8.66 -7.57 -17.19
CA LEU C 71 -9.32 -6.31 -16.85
C LEU C 71 -8.78 -5.75 -15.54
N VAL C 72 -8.61 -6.63 -14.56
CA VAL C 72 -8.11 -6.22 -13.25
C VAL C 72 -6.65 -5.79 -13.32
N SER C 73 -5.83 -6.52 -14.05
CA SER C 73 -4.41 -6.21 -14.17
C SER C 73 -4.11 -4.82 -14.73
N VAL C 74 -4.80 -4.44 -15.79
CA VAL C 74 -4.57 -3.13 -16.41
C VAL C 74 -5.09 -1.97 -15.57
N GLN C 75 -5.79 -2.28 -14.48
CA GLN C 75 -6.34 -1.24 -13.64
C GLN C 75 -5.24 -0.38 -13.03
N GLN C 76 -4.09 -0.99 -12.74
CA GLN C 76 -2.96 -0.25 -12.17
C GLN C 76 -2.37 0.75 -13.17
N ALA C 77 -2.36 0.38 -14.45
CA ALA C 77 -1.83 1.23 -15.52
C ALA C 77 -2.73 2.44 -15.73
N ILE C 78 -4.04 2.23 -15.58
CA ILE C 78 -5.02 3.30 -15.73
C ILE C 78 -4.84 4.22 -14.53
N LYS C 79 -4.64 3.63 -13.36
CA LYS C 79 -4.45 4.43 -12.15
C LYS C 79 -3.17 5.28 -12.24
N PHE C 80 -2.06 4.64 -12.61
CA PHE C 80 -0.76 5.31 -12.69
C PHE C 80 -0.69 6.37 -13.80
N ASN C 81 -1.03 5.98 -15.02
CA ASN C 81 -0.97 6.90 -16.15
C ASN C 81 -2.07 7.96 -16.13
N GLY C 82 -3.28 7.54 -15.75
CA GLY C 82 -4.39 8.47 -15.69
C GLY C 82 -4.15 9.46 -14.56
N GLY C 83 -3.59 8.96 -13.46
CA GLY C 83 -3.29 9.82 -12.33
C GLY C 83 -2.17 10.76 -12.73
N GLY C 84 -1.21 10.25 -13.49
CA GLY C 84 -0.10 11.08 -13.93
C GLY C 84 -0.57 12.20 -14.85
N HIS C 85 -1.51 11.87 -15.74
CA HIS C 85 -2.06 12.84 -16.69
C HIS C 85 -2.82 13.94 -15.94
N ILE C 86 -3.67 13.52 -15.01
CA ILE C 86 -4.46 14.43 -14.19
C ILE C 86 -3.54 15.36 -13.41
N ASN C 87 -2.61 14.77 -12.67
CA ASN C 87 -1.70 15.54 -11.83
C ASN C 87 -0.87 16.59 -12.58
N HIS C 88 -0.21 16.18 -13.66
CA HIS C 88 0.61 17.10 -14.44
C HIS C 88 -0.21 18.18 -15.13
N SER C 89 -1.38 17.81 -15.62
CA SER C 89 -2.23 18.80 -16.28
C SER C 89 -2.58 19.88 -15.26
N LEU C 90 -2.92 19.47 -14.03
CA LEU C 90 -3.25 20.43 -12.97
C LEU C 90 -2.01 21.26 -12.62
N PHE C 91 -0.85 20.62 -12.66
CA PHE C 91 0.42 21.26 -12.33
C PHE C 91 0.79 22.43 -13.24
N TRP C 92 0.78 22.23 -14.55
CA TRP C 92 1.15 23.32 -15.46
C TRP C 92 0.25 24.54 -15.26
N LYS C 93 -1.04 24.28 -15.04
CA LYS C 93 -2.00 25.36 -14.83
C LYS C 93 -1.91 26.08 -13.50
N ASN C 94 -1.36 25.46 -12.45
CA ASN C 94 -1.24 26.21 -11.22
C ASN C 94 0.17 26.79 -11.05
N LEU C 95 0.83 27.01 -12.18
CA LEU C 95 2.16 27.64 -12.23
C LEU C 95 2.01 28.80 -13.22
N ALA C 96 2.85 29.82 -13.08
CA ALA C 96 2.79 30.98 -13.96
C ALA C 96 3.98 31.92 -13.74
N PRO C 97 4.43 32.59 -14.81
CA PRO C 97 5.55 33.52 -14.73
C PRO C 97 5.15 34.65 -13.80
N GLU C 98 6.12 35.30 -13.18
CA GLU C 98 5.84 36.40 -12.26
C GLU C 98 4.96 37.48 -12.91
N LYS C 99 5.17 37.73 -14.19
CA LYS C 99 4.40 38.73 -14.91
C LYS C 99 2.97 38.26 -15.19
N SER C 100 2.77 36.95 -15.23
CA SER C 100 1.45 36.38 -15.49
C SER C 100 0.69 36.02 -14.22
N GLY C 101 1.07 36.66 -13.11
CA GLY C 101 0.39 36.37 -11.86
C GLY C 101 1.11 35.36 -10.98
N GLY C 102 2.30 34.95 -11.43
CA GLY C 102 3.06 34.00 -10.65
C GLY C 102 3.44 34.56 -9.29
N GLY C 103 3.11 33.84 -8.22
CA GLY C 103 3.44 34.28 -6.89
C GLY C 103 2.58 35.40 -6.34
N LYS C 104 1.61 35.85 -7.11
CA LYS C 104 0.73 36.94 -6.68
C LYS C 104 -0.42 36.44 -5.81
N ILE C 105 -0.09 36.02 -4.58
CA ILE C 105 -1.07 35.49 -3.65
C ILE C 105 -2.29 36.39 -3.46
N ASP C 106 -2.09 37.70 -3.52
CA ASP C 106 -3.23 38.58 -3.33
C ASP C 106 -4.21 38.56 -4.50
N GLN C 107 -3.86 37.80 -5.55
CA GLN C 107 -4.77 37.67 -6.68
C GLN C 107 -5.75 36.56 -6.31
N ALA C 108 -5.62 36.03 -5.10
CA ALA C 108 -6.52 34.98 -4.61
C ALA C 108 -7.01 35.38 -3.22
N PRO C 109 -7.82 36.46 -3.15
CA PRO C 109 -8.39 36.99 -1.91
C PRO C 109 -9.08 35.97 -1.01
N VAL C 110 -10.04 35.27 -1.59
CA VAL C 110 -10.81 34.28 -0.85
C VAL C 110 -9.95 33.14 -0.31
N LEU C 111 -9.16 32.52 -1.19
CA LEU C 111 -8.31 31.42 -0.79
C LEU C 111 -7.33 31.89 0.28
N LYS C 112 -6.72 33.04 0.07
CA LYS C 112 -5.76 33.56 1.03
C LYS C 112 -6.37 33.83 2.39
N ALA C 113 -7.59 34.37 2.41
CA ALA C 113 -8.25 34.63 3.68
C ALA C 113 -8.42 33.29 4.39
N ALA C 114 -8.83 32.28 3.64
CA ALA C 114 -9.04 30.95 4.21
C ALA C 114 -7.73 30.36 4.74
N ILE C 115 -6.63 30.59 4.02
CA ILE C 115 -5.33 30.08 4.46
C ILE C 115 -4.86 30.76 5.75
N GLU C 116 -5.00 32.08 5.82
CA GLU C 116 -4.59 32.84 7.00
C GLU C 116 -5.41 32.42 8.22
N GLN C 117 -6.69 32.18 7.98
CA GLN C 117 -7.59 31.78 9.05
C GLN C 117 -7.22 30.37 9.56
N ARG C 118 -6.64 29.56 8.69
CA ARG C 118 -6.25 28.20 9.06
C ARG C 118 -4.85 28.07 9.67
N TRP C 119 -3.86 28.70 9.05
CA TRP C 119 -2.49 28.62 9.52
C TRP C 119 -1.99 29.87 10.24
N GLY C 120 -2.86 30.86 10.41
CA GLY C 120 -2.46 32.08 11.08
C GLY C 120 -1.97 33.10 10.07
N SER C 121 -1.11 32.68 9.15
CA SER C 121 -0.59 33.58 8.11
C SER C 121 -0.24 32.81 6.86
N PHE C 122 -0.14 33.54 5.75
CA PHE C 122 0.21 32.93 4.48
C PHE C 122 1.62 32.33 4.56
N ASP C 123 2.52 33.03 5.23
CA ASP C 123 3.89 32.55 5.37
C ASP C 123 3.98 31.29 6.24
N LYS C 124 3.18 31.21 7.30
CA LYS C 124 3.22 30.01 8.11
C LYS C 124 2.71 28.85 7.27
N PHE C 125 1.75 29.12 6.40
CA PHE C 125 1.22 28.09 5.52
C PHE C 125 2.34 27.56 4.62
N LYS C 126 3.10 28.46 4.03
CA LYS C 126 4.20 28.08 3.15
C LYS C 126 5.22 27.18 3.85
N ASP C 127 5.59 27.52 5.08
CA ASP C 127 6.56 26.71 5.83
C ASP C 127 6.00 25.31 6.08
N ALA C 128 4.72 25.22 6.44
CA ALA C 128 4.10 23.92 6.71
C ALA C 128 4.02 23.10 5.43
N PHE C 129 3.79 23.78 4.31
CA PHE C 129 3.70 23.08 3.03
C PHE C 129 5.08 22.56 2.63
N ASN C 130 6.10 23.40 2.78
CA ASN C 130 7.45 22.99 2.45
C ASN C 130 7.81 21.75 3.25
N THR C 131 7.45 21.76 4.54
CA THR C 131 7.75 20.61 5.40
C THR C 131 7.07 19.34 4.90
N THR C 132 5.81 19.45 4.50
CA THR C 132 5.09 18.28 4.00
C THR C 132 5.80 17.78 2.74
N LEU C 133 6.15 18.70 1.84
CA LEU C 133 6.83 18.34 0.60
C LEU C 133 8.13 17.58 0.88
N LEU C 134 8.95 18.13 1.77
CA LEU C 134 10.22 17.49 2.12
C LEU C 134 10.02 16.16 2.84
N GLY C 135 8.86 15.97 3.45
CA GLY C 135 8.60 14.74 4.16
C GLY C 135 8.18 13.58 3.28
N ILE C 136 7.82 13.88 2.04
CA ILE C 136 7.39 12.84 1.12
C ILE C 136 8.51 11.83 0.90
N GLN C 137 8.17 10.55 1.00
CA GLN C 137 9.13 9.46 0.81
C GLN C 137 8.90 8.85 -0.55
N GLY C 138 9.96 8.81 -1.35
CA GLY C 138 9.83 8.27 -2.69
C GLY C 138 9.17 9.28 -3.61
N SER C 139 8.56 8.80 -4.69
CA SER C 139 7.90 9.67 -5.64
C SER C 139 6.53 10.06 -5.12
N GLY C 140 6.20 11.34 -5.24
CA GLY C 140 4.90 11.78 -4.76
C GLY C 140 4.62 13.22 -5.07
N TRP C 141 3.47 13.69 -4.58
CA TRP C 141 3.02 15.05 -4.81
C TRP C 141 2.55 15.70 -3.52
N GLY C 142 2.68 17.03 -3.46
CA GLY C 142 2.22 17.78 -2.31
C GLY C 142 1.00 18.53 -2.79
N TRP C 143 -0.08 18.53 -2.01
CA TRP C 143 -1.34 19.20 -2.40
C TRP C 143 -2.00 20.05 -1.31
N LEU C 144 -2.66 21.12 -1.75
CA LEU C 144 -3.47 21.95 -0.88
C LEU C 144 -4.85 21.60 -1.43
N VAL C 145 -5.74 21.07 -0.59
CA VAL C 145 -7.09 20.70 -1.04
C VAL C 145 -8.19 21.30 -0.18
N THR C 146 -9.42 21.21 -0.68
CA THR C 146 -10.58 21.72 0.06
C THR C 146 -11.69 20.69 -0.08
N ASP C 147 -12.55 20.56 0.93
CA ASP C 147 -13.62 19.58 0.87
C ASP C 147 -14.77 19.99 -0.04
N GLY C 148 -14.80 21.26 -0.43
CA GLY C 148 -15.84 21.75 -1.29
C GLY C 148 -15.65 23.21 -1.60
N PRO C 149 -16.58 23.83 -2.34
CA PRO C 149 -16.49 25.24 -2.70
C PRO C 149 -16.28 26.14 -1.48
N LYS C 150 -15.19 26.89 -1.49
CA LYS C 150 -14.85 27.78 -0.38
C LYS C 150 -14.93 27.01 0.93
N GLY C 151 -14.55 25.73 0.89
CA GLY C 151 -14.60 24.90 2.07
C GLY C 151 -13.37 24.90 2.96
N LYS C 152 -13.23 23.85 3.74
CA LYS C 152 -12.09 23.73 4.66
C LYS C 152 -10.83 23.28 3.91
N LEU C 153 -9.73 23.94 4.25
CA LEU C 153 -8.44 23.66 3.62
C LEU C 153 -7.63 22.60 4.36
N ASP C 154 -6.81 21.87 3.61
CA ASP C 154 -5.96 20.83 4.16
C ASP C 154 -4.76 20.55 3.26
N ILE C 155 -3.64 20.23 3.87
CA ILE C 155 -2.44 19.89 3.12
C ILE C 155 -2.35 18.38 3.15
N THR C 156 -2.19 17.77 1.97
CA THR C 156 -2.08 16.32 1.89
C THR C 156 -0.99 15.98 0.88
N THR C 157 -0.72 14.69 0.73
CA THR C 157 0.26 14.23 -0.25
C THR C 157 -0.33 12.97 -0.85
N THR C 158 0.13 12.64 -2.06
CA THR C 158 -0.30 11.43 -2.74
C THR C 158 1.00 10.75 -3.19
N HIS C 159 1.00 9.42 -3.26
CA HIS C 159 2.19 8.67 -3.64
C HIS C 159 2.22 8.39 -5.15
N ASP C 160 3.43 8.35 -5.71
CA ASP C 160 3.64 8.10 -7.12
C ASP C 160 2.77 9.02 -7.97
N GLN C 161 1.83 8.47 -8.74
CA GLN C 161 0.98 9.33 -9.55
C GLN C 161 -0.49 9.29 -9.13
N ASP C 162 -0.74 8.78 -7.93
CA ASP C 162 -2.10 8.73 -7.42
C ASP C 162 -2.64 10.16 -7.44
N PRO C 163 -3.87 10.36 -7.95
CA PRO C 163 -4.46 11.70 -8.00
C PRO C 163 -5.20 11.98 -6.69
N VAL C 164 -5.54 13.24 -6.46
CA VAL C 164 -6.26 13.59 -5.26
C VAL C 164 -7.70 13.11 -5.35
N THR C 165 -8.16 12.40 -4.33
CA THR C 165 -9.52 11.88 -4.30
C THR C 165 -10.19 12.23 -2.97
N GLY C 166 -11.51 12.34 -3.00
CA GLY C 166 -12.24 12.69 -1.80
C GLY C 166 -12.03 14.14 -1.41
N ALA C 167 -11.47 14.91 -2.34
CA ALA C 167 -11.20 16.33 -2.11
C ALA C 167 -10.97 17.04 -3.43
N ALA C 168 -11.01 18.36 -3.40
CA ALA C 168 -10.80 19.17 -4.59
C ALA C 168 -9.40 19.80 -4.54
N PRO C 169 -8.54 19.47 -5.51
CA PRO C 169 -7.17 20.01 -5.58
C PRO C 169 -7.16 21.52 -5.81
N VAL C 170 -6.45 22.27 -4.98
CA VAL C 170 -6.37 23.72 -5.15
C VAL C 170 -5.09 23.98 -5.94
N PHE C 171 -4.00 23.34 -5.52
CA PHE C 171 -2.72 23.42 -6.24
C PHE C 171 -1.81 22.30 -5.78
N GLY C 172 -0.95 21.84 -6.68
CA GLY C 172 -0.05 20.77 -6.32
C GLY C 172 1.38 21.10 -6.67
N VAL C 173 2.34 20.48 -5.99
CA VAL C 173 3.74 20.69 -6.30
C VAL C 173 4.25 19.27 -6.52
N ASP C 174 4.88 19.05 -7.68
CA ASP C 174 5.40 17.73 -8.04
C ASP C 174 6.69 17.47 -7.28
N MET C 175 6.74 16.40 -6.49
CA MET C 175 7.99 16.14 -5.78
C MET C 175 8.78 14.95 -6.30
N TRP C 176 8.44 14.50 -7.51
CA TRP C 176 9.20 13.41 -8.14
C TRP C 176 10.54 14.08 -8.41
N GLU C 177 11.63 13.32 -8.30
CA GLU C 177 12.95 13.90 -8.52
C GLU C 177 13.13 14.51 -9.91
N HIS C 178 12.46 13.95 -10.91
CA HIS C 178 12.60 14.49 -12.27
C HIS C 178 12.05 15.92 -12.35
N ALA C 179 11.29 16.35 -11.36
CA ALA C 179 10.74 17.70 -11.38
C ALA C 179 11.73 18.77 -10.93
N TYR C 180 12.87 18.36 -10.37
CA TYR C 180 13.82 19.35 -9.89
C TYR C 180 15.30 18.98 -9.87
N TYR C 181 15.63 17.70 -9.99
CA TYR C 181 17.01 17.24 -9.91
C TYR C 181 18.02 17.91 -10.83
N LEU C 182 17.69 18.06 -12.10
CA LEU C 182 18.62 18.68 -13.03
C LEU C 182 19.07 20.05 -12.57
N GLN C 183 18.20 20.79 -11.89
CA GLN C 183 18.57 22.13 -11.45
C GLN C 183 18.97 22.23 -9.99
N TYR C 184 18.21 21.55 -9.13
CA TYR C 184 18.43 21.60 -7.70
C TYR C 184 19.20 20.41 -7.12
N LEU C 185 19.40 19.38 -7.93
CA LEU C 185 20.10 18.18 -7.49
C LEU C 185 19.28 17.61 -6.32
N ASN C 186 19.95 17.17 -5.26
CA ASN C 186 19.28 16.61 -4.10
C ASN C 186 18.63 17.68 -3.20
N ASP C 187 18.85 18.96 -3.50
CA ASP C 187 18.31 20.02 -2.66
C ASP C 187 16.83 20.34 -2.90
N LYS C 188 15.97 19.38 -2.59
CA LYS C 188 14.53 19.56 -2.79
C LYS C 188 13.99 20.74 -1.97
N ALA C 189 14.68 21.09 -0.89
CA ALA C 189 14.22 22.20 -0.05
C ALA C 189 14.31 23.53 -0.81
N SER C 190 15.37 23.72 -1.58
CA SER C 190 15.50 24.96 -2.32
C SER C 190 14.49 24.99 -3.46
N TYR C 191 14.15 23.82 -3.97
CA TYR C 191 13.15 23.73 -5.03
C TYR C 191 11.82 24.17 -4.46
N ALA C 192 11.46 23.61 -3.30
CA ALA C 192 10.18 23.99 -2.66
C ALA C 192 10.13 25.49 -2.41
N LYS C 193 11.19 26.03 -1.82
CA LYS C 193 11.23 27.45 -1.53
C LYS C 193 11.20 28.35 -2.76
N GLY C 194 11.69 27.86 -3.89
CA GLY C 194 11.68 28.69 -5.08
C GLY C 194 10.39 28.63 -5.89
N ILE C 195 9.66 27.52 -5.78
CA ILE C 195 8.46 27.39 -6.58
C ILE C 195 7.32 28.32 -6.19
N TRP C 196 7.37 28.88 -4.98
CA TRP C 196 6.34 29.80 -4.53
C TRP C 196 6.30 31.03 -5.43
N ASN C 197 7.43 31.33 -6.04
CA ASN C 197 7.50 32.50 -6.92
C ASN C 197 6.71 32.32 -8.20
N VAL C 198 6.47 31.07 -8.59
CA VAL C 198 5.72 30.82 -9.81
C VAL C 198 4.38 30.11 -9.64
N ILE C 199 3.84 30.09 -8.42
CA ILE C 199 2.55 29.46 -8.20
C ILE C 199 1.49 30.39 -8.81
N ASN C 200 0.60 29.82 -9.62
CA ASN C 200 -0.46 30.60 -10.24
C ASN C 200 -1.63 30.70 -9.28
N TRP C 201 -1.63 31.69 -8.40
CA TRP C 201 -2.70 31.82 -7.43
C TRP C 201 -4.06 32.19 -7.99
N ALA C 202 -4.09 32.85 -9.15
CA ALA C 202 -5.36 33.19 -9.77
C ALA C 202 -6.09 31.89 -10.03
N GLU C 203 -5.37 30.89 -10.53
CA GLU C 203 -5.95 29.57 -10.82
C GLU C 203 -6.35 28.86 -9.52
N ALA C 204 -5.51 28.97 -8.49
CA ALA C 204 -5.80 28.34 -7.20
C ALA C 204 -7.11 28.90 -6.65
N GLU C 205 -7.26 30.23 -6.77
CA GLU C 205 -8.45 30.93 -6.31
C GLU C 205 -9.70 30.32 -6.93
N ASN C 206 -9.63 30.13 -8.24
CA ASN C 206 -10.75 29.55 -8.98
C ASN C 206 -11.08 28.13 -8.52
N ARG C 207 -10.06 27.28 -8.35
CA ARG C 207 -10.31 25.92 -7.92
C ARG C 207 -10.90 25.86 -6.52
N TYR C 208 -10.43 26.72 -5.63
CA TYR C 208 -10.94 26.75 -4.26
C TYR C 208 -12.40 27.17 -4.25
N ILE C 209 -12.74 28.21 -5.00
CA ILE C 209 -14.12 28.68 -5.03
C ILE C 209 -15.02 27.61 -5.64
N ALA C 210 -14.54 26.96 -6.70
CA ALA C 210 -15.29 25.91 -7.37
C ALA C 210 -15.40 24.68 -6.47
N GLY C 211 -14.28 24.30 -5.85
CA GLY C 211 -14.26 23.15 -4.97
C GLY C 211 -14.83 21.88 -5.59
N ASP C 212 -14.41 21.56 -6.81
CA ASP C 212 -14.87 20.35 -7.49
C ASP C 212 -13.93 19.19 -7.21
N LYS C 213 -14.40 18.22 -6.41
CA LYS C 213 -13.59 17.06 -6.09
C LYS C 213 -13.13 16.35 -7.36
N GLY C 214 -11.82 16.07 -7.44
CA GLY C 214 -11.30 15.42 -8.63
C GLY C 214 -10.56 16.37 -9.54
N GLN D 14 25.54 1.41 19.06
CA GLN D 14 26.50 1.81 18.00
C GLN D 14 25.80 2.65 16.93
N GLN D 15 26.27 3.88 16.76
CA GLN D 15 25.69 4.80 15.78
C GLN D 15 26.03 4.36 14.36
N TYR D 16 25.03 4.32 13.49
CA TYR D 16 25.23 3.92 12.10
C TYR D 16 25.95 5.04 11.37
N THR D 17 26.90 4.65 10.51
CA THR D 17 27.68 5.60 9.74
C THR D 17 27.67 5.24 8.26
N LEU D 18 28.01 6.21 7.42
CA LEU D 18 28.05 6.02 5.98
C LEU D 18 29.21 5.11 5.59
N PRO D 19 28.91 3.98 4.94
CA PRO D 19 29.99 3.07 4.54
C PRO D 19 30.74 3.65 3.35
N PRO D 20 32.08 3.60 3.38
CA PRO D 20 32.89 4.12 2.28
C PRO D 20 32.65 3.31 1.02
N LEU D 21 32.83 3.93 -0.15
CA LEU D 21 32.67 3.20 -1.40
C LEU D 21 33.92 2.35 -1.60
N PRO D 22 33.76 1.15 -2.16
CA PRO D 22 34.91 0.26 -2.40
C PRO D 22 35.73 0.67 -3.62
N TYR D 23 35.45 1.86 -4.15
CA TYR D 23 36.15 2.37 -5.33
C TYR D 23 35.96 3.87 -5.45
N PRO D 24 36.80 4.52 -6.28
CA PRO D 24 36.73 5.98 -6.51
C PRO D 24 35.37 6.40 -7.06
N TYR D 25 35.00 7.66 -6.83
CA TYR D 25 33.72 8.17 -7.31
C TYR D 25 33.52 8.17 -8.81
N ASP D 26 34.62 8.20 -9.57
CA ASP D 26 34.53 8.21 -11.02
C ASP D 26 34.93 6.87 -11.62
N ALA D 27 35.20 5.89 -10.76
CA ALA D 27 35.63 4.57 -11.22
C ALA D 27 34.57 3.80 -11.99
N LEU D 28 33.34 4.29 -11.99
CA LEU D 28 32.26 3.61 -12.69
C LEU D 28 31.87 4.26 -14.01
N GLN D 29 32.53 5.35 -14.38
CA GLN D 29 32.20 6.00 -15.65
C GLN D 29 32.57 5.05 -16.78
N PRO D 30 31.97 5.22 -17.97
CA PRO D 30 30.95 6.21 -18.32
C PRO D 30 29.52 5.70 -18.13
N TYR D 31 29.37 4.62 -17.36
CA TYR D 31 28.06 4.04 -17.11
C TYR D 31 27.34 4.81 -16.01
N ILE D 32 28.10 5.27 -15.02
CA ILE D 32 27.55 6.08 -13.94
C ILE D 32 28.56 7.17 -13.61
N SER D 33 28.20 8.41 -13.93
CA SER D 33 29.07 9.56 -13.71
C SER D 33 29.54 9.77 -12.29
N GLN D 34 30.67 10.48 -12.17
CA GLN D 34 31.27 10.79 -10.88
C GLN D 34 30.28 11.63 -10.07
N GLN D 35 29.62 12.57 -10.75
CA GLN D 35 28.65 13.45 -10.12
C GLN D 35 27.53 12.69 -9.42
N ILE D 36 26.92 11.74 -10.13
CA ILE D 36 25.84 10.93 -9.58
C ILE D 36 26.35 10.15 -8.34
N MET D 37 27.47 9.45 -8.49
CA MET D 37 28.03 8.68 -7.39
C MET D 37 28.25 9.53 -6.13
N GLU D 38 28.79 10.73 -6.32
CA GLU D 38 29.05 11.63 -5.19
C GLU D 38 27.74 12.01 -4.48
N LEU D 39 26.78 12.51 -5.25
CA LEU D 39 25.50 12.90 -4.66
C LEU D 39 24.75 11.72 -4.08
N HIS D 40 24.72 10.62 -4.81
CA HIS D 40 24.02 9.43 -4.38
C HIS D 40 24.58 8.88 -3.07
N HIS D 41 25.89 8.97 -2.92
CA HIS D 41 26.58 8.48 -1.74
C HIS D 41 26.64 9.49 -0.61
N LYS D 42 27.35 10.60 -0.85
CA LYS D 42 27.51 11.64 0.16
C LYS D 42 26.22 12.31 0.60
N LYS D 43 25.22 12.37 -0.26
CA LYS D 43 23.96 13.02 0.10
C LYS D 43 22.80 12.08 0.40
N HIS D 44 22.32 11.39 -0.63
CA HIS D 44 21.19 10.49 -0.46
C HIS D 44 21.41 9.40 0.58
N HIS D 45 22.44 8.58 0.41
CA HIS D 45 22.70 7.50 1.37
C HIS D 45 22.95 8.09 2.76
N GLN D 46 23.69 9.18 2.82
CA GLN D 46 23.97 9.83 4.10
C GLN D 46 22.69 10.25 4.79
N THR D 47 21.71 10.69 4.01
CA THR D 47 20.44 11.11 4.58
C THR D 47 19.72 9.94 5.24
N TYR D 48 19.77 8.78 4.60
CA TYR D 48 19.11 7.62 5.17
C TYR D 48 19.83 7.23 6.47
N VAL D 49 21.16 7.28 6.46
CA VAL D 49 21.95 6.95 7.65
C VAL D 49 21.54 7.89 8.79
N ASN D 50 21.48 9.18 8.50
CA ASN D 50 21.09 10.17 9.51
C ASN D 50 19.67 9.90 10.00
N GLY D 51 18.77 9.63 9.06
CA GLY D 51 17.38 9.35 9.39
C GLY D 51 17.21 8.07 10.18
N LEU D 52 18.05 7.08 9.87
CA LEU D 52 17.99 5.81 10.56
C LEU D 52 18.35 6.00 12.04
N ASN D 53 19.45 6.72 12.32
CA ASN D 53 19.86 6.97 13.70
C ASN D 53 18.79 7.78 14.44
N ALA D 54 18.25 8.79 13.79
CA ALA D 54 17.21 9.61 14.41
C ALA D 54 15.98 8.77 14.73
N ALA D 55 15.59 7.91 13.79
CA ALA D 55 14.40 7.07 13.98
C ALA D 55 14.52 6.10 15.17
N LEU D 56 15.62 5.38 15.22
CA LEU D 56 15.87 4.42 16.29
C LEU D 56 15.95 5.08 17.65
N GLU D 57 16.42 6.33 17.66
CA GLU D 57 16.52 7.06 18.91
C GLU D 57 15.12 7.44 19.39
N ALA D 58 14.28 7.90 18.46
CA ALA D 58 12.91 8.27 18.80
C ALA D 58 12.12 7.05 19.25
N GLN D 59 12.39 5.91 18.60
CA GLN D 59 11.70 4.67 18.93
C GLN D 59 12.09 4.18 20.32
N LYS D 60 13.33 4.44 20.71
CA LYS D 60 13.81 4.03 22.02
C LYS D 60 13.14 4.87 23.11
N LYS D 61 13.12 6.19 22.92
CA LYS D 61 12.51 7.08 23.88
C LYS D 61 11.02 6.76 24.02
N ALA D 62 10.34 6.58 22.90
CA ALA D 62 8.92 6.26 22.91
C ALA D 62 8.67 4.94 23.62
N ALA D 63 9.58 3.99 23.41
CA ALA D 63 9.47 2.69 24.05
C ALA D 63 9.61 2.83 25.55
N GLU D 64 10.62 3.59 25.97
CA GLU D 64 10.89 3.82 27.38
C GLU D 64 9.69 4.51 28.03
N ALA D 65 9.04 5.38 27.28
CA ALA D 65 7.88 6.11 27.78
C ALA D 65 6.61 5.28 27.64
N THR D 66 6.75 4.07 27.09
CA THR D 66 5.60 3.20 26.89
C THR D 66 4.54 3.94 26.08
N ASP D 67 4.99 4.62 25.03
CA ASP D 67 4.13 5.40 24.15
C ASP D 67 3.87 4.64 22.86
N VAL D 68 2.83 3.80 22.86
CA VAL D 68 2.49 3.00 21.68
C VAL D 68 2.33 3.84 20.42
N PRO D 69 1.56 4.93 20.47
CA PRO D 69 1.37 5.77 19.29
C PRO D 69 2.68 6.20 18.64
N LYS D 70 3.62 6.72 19.45
CA LYS D 70 4.89 7.15 18.93
C LYS D 70 5.69 5.97 18.36
N LEU D 71 5.64 4.83 19.05
CA LEU D 71 6.34 3.63 18.59
C LEU D 71 5.88 3.21 17.22
N VAL D 72 4.57 3.23 17.01
CA VAL D 72 4.02 2.83 15.73
C VAL D 72 4.40 3.81 14.63
N SER D 73 4.18 5.11 14.88
CA SER D 73 4.48 6.13 13.88
C SER D 73 5.93 6.13 13.41
N VAL D 74 6.87 5.94 14.33
CA VAL D 74 8.28 5.95 13.97
C VAL D 74 8.69 4.76 13.11
N GLN D 75 7.89 3.70 13.11
CA GLN D 75 8.25 2.51 12.31
C GLN D 75 8.43 2.86 10.83
N GLN D 76 7.65 3.81 10.32
CA GLN D 76 7.78 4.20 8.92
C GLN D 76 9.16 4.78 8.62
N ALA D 77 9.69 5.57 9.54
CA ALA D 77 11.01 6.18 9.37
C ALA D 77 12.11 5.11 9.46
N ILE D 78 11.93 4.17 10.38
CA ILE D 78 12.89 3.09 10.56
C ILE D 78 12.88 2.29 9.27
N LYS D 79 11.68 1.97 8.82
CA LYS D 79 11.47 1.21 7.59
C LYS D 79 12.08 1.92 6.38
N PHE D 80 11.70 3.18 6.21
CA PHE D 80 12.20 3.96 5.09
C PHE D 80 13.70 4.20 5.14
N ASN D 81 14.18 4.74 6.25
CA ASN D 81 15.61 5.01 6.38
C ASN D 81 16.42 3.73 6.58
N GLY D 82 15.91 2.80 7.37
CA GLY D 82 16.62 1.55 7.56
C GLY D 82 16.74 0.84 6.23
N GLY D 83 15.67 0.86 5.46
CA GLY D 83 15.68 0.22 4.15
C GLY D 83 16.67 0.90 3.23
N GLY D 84 16.67 2.23 3.27
CA GLY D 84 17.59 2.98 2.42
C GLY D 84 19.03 2.63 2.69
N HIS D 85 19.37 2.48 3.96
CA HIS D 85 20.74 2.14 4.35
C HIS D 85 21.11 0.76 3.83
N ILE D 86 20.21 -0.19 4.05
CA ILE D 86 20.41 -1.57 3.61
C ILE D 86 20.56 -1.66 2.10
N ASN D 87 19.62 -1.05 1.38
CA ASN D 87 19.63 -1.10 -0.07
C ASN D 87 20.87 -0.49 -0.69
N HIS D 88 21.24 0.72 -0.28
CA HIS D 88 22.42 1.37 -0.84
C HIS D 88 23.72 0.71 -0.40
N SER D 89 23.76 0.20 0.82
CA SER D 89 24.96 -0.46 1.30
C SER D 89 25.25 -1.67 0.41
N LEU D 90 24.20 -2.43 0.09
CA LEU D 90 24.33 -3.59 -0.77
C LEU D 90 24.65 -3.17 -2.20
N PHE D 91 24.07 -2.05 -2.62
CA PHE D 91 24.25 -1.53 -3.97
C PHE D 91 25.72 -1.20 -4.27
N TRP D 92 26.35 -0.42 -3.40
CA TRP D 92 27.75 -0.04 -3.62
C TRP D 92 28.62 -1.30 -3.76
N LYS D 93 28.31 -2.34 -3.00
CA LYS D 93 29.08 -3.58 -3.05
C LYS D 93 28.82 -4.46 -4.27
N ASN D 94 27.62 -4.41 -4.86
CA ASN D 94 27.41 -5.24 -6.04
C ASN D 94 27.70 -4.48 -7.33
N LEU D 95 28.57 -3.49 -7.22
CA LEU D 95 29.02 -2.67 -8.35
C LEU D 95 30.56 -2.67 -8.29
N ALA D 96 31.20 -2.55 -9.45
CA ALA D 96 32.65 -2.54 -9.53
C ALA D 96 33.17 -2.11 -10.89
N PRO D 97 34.32 -1.40 -10.91
CA PRO D 97 34.93 -0.93 -12.15
C PRO D 97 35.09 -2.09 -13.11
N GLU D 98 35.07 -1.82 -14.42
CA GLU D 98 35.22 -2.88 -15.41
C GLU D 98 36.58 -3.58 -15.27
N LYS D 99 37.58 -2.84 -14.81
CA LYS D 99 38.92 -3.41 -14.65
C LYS D 99 39.01 -4.21 -13.36
N SER D 100 38.03 -4.04 -12.50
CA SER D 100 38.02 -4.75 -11.22
C SER D 100 36.97 -5.85 -11.18
N GLY D 101 36.63 -6.40 -12.34
CA GLY D 101 35.63 -7.45 -12.38
C GLY D 101 34.23 -6.99 -12.70
N GLY D 102 34.04 -5.69 -12.86
CA GLY D 102 32.72 -5.18 -13.18
C GLY D 102 32.21 -5.73 -14.50
N GLY D 103 31.00 -6.28 -14.50
CA GLY D 103 30.41 -6.83 -15.71
C GLY D 103 30.97 -8.16 -16.16
N LYS D 104 31.84 -8.74 -15.35
CA LYS D 104 32.47 -10.02 -15.65
C LYS D 104 31.69 -11.17 -15.05
N ILE D 105 30.64 -11.60 -15.73
CA ILE D 105 29.77 -12.67 -15.25
C ILE D 105 30.52 -14.00 -15.01
N ASP D 106 31.61 -14.23 -15.74
CA ASP D 106 32.36 -15.47 -15.56
C ASP D 106 33.02 -15.57 -14.19
N GLN D 107 33.04 -14.47 -13.45
CA GLN D 107 33.62 -14.47 -12.12
C GLN D 107 32.57 -14.97 -11.12
N ALA D 108 31.43 -15.40 -11.65
CA ALA D 108 30.35 -15.94 -10.84
C ALA D 108 29.89 -17.25 -11.47
N PRO D 109 30.78 -18.25 -11.53
CA PRO D 109 30.50 -19.56 -12.10
C PRO D 109 29.23 -20.23 -11.58
N VAL D 110 29.13 -20.33 -10.26
CA VAL D 110 27.97 -20.96 -9.64
C VAL D 110 26.68 -20.20 -9.92
N LEU D 111 26.72 -18.88 -9.74
CA LEU D 111 25.55 -18.04 -9.98
C LEU D 111 25.11 -18.08 -11.45
N LYS D 112 26.07 -17.88 -12.35
CA LYS D 112 25.80 -17.89 -13.78
C LYS D 112 25.13 -19.21 -14.19
N ALA D 113 25.64 -20.31 -13.70
CA ALA D 113 25.08 -21.62 -14.03
C ALA D 113 23.62 -21.70 -13.58
N ALA D 114 23.37 -21.29 -12.34
CA ALA D 114 22.01 -21.30 -11.79
C ALA D 114 21.12 -20.36 -12.59
N ILE D 115 21.68 -19.25 -13.01
CA ILE D 115 20.93 -18.28 -13.80
C ILE D 115 20.59 -18.90 -15.16
N GLU D 116 21.54 -19.62 -15.74
CA GLU D 116 21.30 -20.24 -17.05
C GLU D 116 20.24 -21.32 -16.97
N GLN D 117 20.21 -22.05 -15.86
CA GLN D 117 19.24 -23.12 -15.69
C GLN D 117 17.83 -22.57 -15.47
N ARG D 118 17.73 -21.45 -14.79
CA ARG D 118 16.44 -20.82 -14.49
C ARG D 118 15.86 -20.05 -15.67
N TRP D 119 16.70 -19.30 -16.37
CA TRP D 119 16.25 -18.49 -17.50
C TRP D 119 16.75 -18.97 -18.86
N GLY D 120 17.53 -20.04 -18.87
CA GLY D 120 18.04 -20.54 -20.14
C GLY D 120 19.43 -20.01 -20.45
N SER D 121 19.58 -18.70 -20.35
CA SER D 121 20.88 -18.08 -20.62
C SER D 121 21.00 -16.75 -19.90
N PHE D 122 22.22 -16.27 -19.78
CA PHE D 122 22.48 -15.01 -19.11
C PHE D 122 21.70 -13.88 -19.80
N ASP D 123 21.76 -13.81 -21.13
CA ASP D 123 21.06 -12.76 -21.85
C ASP D 123 19.55 -12.74 -21.61
N LYS D 124 18.95 -13.93 -21.52
CA LYS D 124 17.53 -14.02 -21.28
C LYS D 124 17.22 -13.50 -19.88
N PHE D 125 18.11 -13.77 -18.94
CA PHE D 125 17.92 -13.30 -17.57
C PHE D 125 17.98 -11.78 -17.56
N LYS D 126 18.94 -11.22 -18.28
CA LYS D 126 19.12 -9.77 -18.36
C LYS D 126 17.88 -9.10 -18.95
N ASP D 127 17.32 -9.74 -19.97
CA ASP D 127 16.12 -9.21 -20.59
C ASP D 127 15.00 -9.15 -19.56
N ALA D 128 14.82 -10.24 -18.83
CA ALA D 128 13.78 -10.31 -17.81
C ALA D 128 14.03 -9.29 -16.72
N PHE D 129 15.29 -9.12 -16.33
CA PHE D 129 15.62 -8.16 -15.29
C PHE D 129 15.33 -6.73 -15.76
N ASN D 130 15.82 -6.39 -16.96
CA ASN D 130 15.59 -5.05 -17.51
C ASN D 130 14.11 -4.74 -17.63
N THR D 131 13.33 -5.75 -18.04
CA THR D 131 11.90 -5.59 -18.19
C THR D 131 11.29 -5.27 -16.83
N THR D 132 11.74 -5.97 -15.81
CA THR D 132 11.25 -5.74 -14.47
C THR D 132 11.66 -4.35 -14.01
N LEU D 133 12.93 -3.99 -14.23
CA LEU D 133 13.40 -2.67 -13.84
C LEU D 133 12.58 -1.56 -14.49
N LEU D 134 12.43 -1.64 -15.80
CA LEU D 134 11.68 -0.60 -16.52
C LEU D 134 10.20 -0.58 -16.17
N GLY D 135 9.72 -1.65 -15.57
CA GLY D 135 8.31 -1.72 -15.20
C GLY D 135 7.99 -1.10 -13.86
N ILE D 136 9.01 -0.76 -13.08
CA ILE D 136 8.77 -0.16 -11.76
C ILE D 136 8.10 1.21 -11.88
N GLN D 137 7.04 1.41 -11.10
CA GLN D 137 6.31 2.67 -11.11
C GLN D 137 6.73 3.50 -9.90
N GLY D 138 7.22 4.71 -10.15
CA GLY D 138 7.67 5.54 -9.04
C GLY D 138 9.07 5.12 -8.64
N SER D 139 9.41 5.31 -7.36
CA SER D 139 10.73 4.95 -6.87
C SER D 139 10.76 3.51 -6.38
N GLY D 140 11.84 2.82 -6.70
CA GLY D 140 11.97 1.44 -6.26
C GLY D 140 13.25 0.78 -6.70
N TRP D 141 13.39 -0.49 -6.36
CA TRP D 141 14.57 -1.28 -6.66
C TRP D 141 14.21 -2.59 -7.35
N GLY D 142 15.13 -3.08 -8.18
CA GLY D 142 14.95 -4.34 -8.86
C GLY D 142 15.97 -5.26 -8.19
N TRP D 143 15.59 -6.50 -7.88
CA TRP D 143 16.50 -7.44 -7.22
C TRP D 143 16.48 -8.86 -7.77
N LEU D 144 17.61 -9.54 -7.61
CA LEU D 144 17.73 -10.95 -7.96
C LEU D 144 18.00 -11.55 -6.59
N VAL D 145 17.08 -12.37 -6.09
CA VAL D 145 17.24 -12.98 -4.76
C VAL D 145 17.32 -14.50 -4.84
N THR D 146 17.60 -15.14 -3.70
CA THR D 146 17.66 -16.59 -3.63
C THR D 146 17.04 -17.00 -2.28
N ASP D 147 16.39 -18.16 -2.24
CA ASP D 147 15.74 -18.62 -1.02
C ASP D 147 16.71 -19.28 -0.03
N GLY D 148 17.96 -19.40 -0.44
CA GLY D 148 18.95 -20.00 0.44
C GLY D 148 20.28 -20.20 -0.26
N PRO D 149 21.28 -20.73 0.44
CA PRO D 149 22.61 -20.97 -0.16
C PRO D 149 22.49 -21.79 -1.44
N LYS D 150 22.93 -21.21 -2.54
CA LYS D 150 22.85 -21.87 -3.85
C LYS D 150 21.44 -22.36 -4.09
N GLY D 151 20.46 -21.60 -3.59
CA GLY D 151 19.06 -21.96 -3.74
C GLY D 151 18.45 -21.51 -5.04
N LYS D 152 17.12 -21.44 -5.08
CA LYS D 152 16.38 -21.03 -6.26
C LYS D 152 16.45 -19.51 -6.41
N LEU D 153 16.65 -19.07 -7.65
CA LEU D 153 16.76 -17.65 -7.97
C LEU D 153 15.42 -17.05 -8.36
N ASP D 154 15.21 -15.78 -8.02
CA ASP D 154 13.99 -15.08 -8.38
C ASP D 154 14.25 -13.59 -8.55
N ILE D 155 13.51 -12.98 -9.46
CA ILE D 155 13.62 -11.55 -9.71
C ILE D 155 12.45 -10.92 -8.99
N THR D 156 12.69 -9.88 -8.21
CA THR D 156 11.63 -9.19 -7.49
C THR D 156 11.93 -7.69 -7.48
N THR D 157 11.02 -6.92 -6.91
CA THR D 157 11.21 -5.48 -6.78
C THR D 157 10.72 -5.04 -5.41
N THR D 158 11.22 -3.90 -4.95
CA THR D 158 10.76 -3.34 -3.69
C THR D 158 10.41 -1.89 -4.02
N HIS D 159 9.42 -1.35 -3.32
CA HIS D 159 9.00 0.02 -3.58
C HIS D 159 9.69 0.98 -2.63
N ASP D 160 10.01 2.16 -3.14
CA ASP D 160 10.69 3.20 -2.39
C ASP D 160 12.00 2.68 -1.80
N GLN D 161 12.12 2.61 -0.48
CA GLN D 161 13.36 2.10 0.09
C GLN D 161 13.18 0.78 0.85
N ASP D 162 12.06 0.10 0.62
CA ASP D 162 11.81 -1.16 1.28
C ASP D 162 12.94 -2.13 0.92
N PRO D 163 13.47 -2.84 1.91
CA PRO D 163 14.56 -3.80 1.68
C PRO D 163 14.02 -5.18 1.33
N VAL D 164 14.89 -6.04 0.80
CA VAL D 164 14.49 -7.41 0.47
C VAL D 164 14.34 -8.15 1.77
N THR D 165 13.19 -8.81 1.95
CA THR D 165 12.91 -9.57 3.16
C THR D 165 12.37 -10.97 2.82
N GLY D 166 12.67 -11.94 3.68
CA GLY D 166 12.22 -13.29 3.42
C GLY D 166 12.98 -13.93 2.28
N ALA D 167 14.11 -13.33 1.94
CA ALA D 167 14.94 -13.83 0.85
C ALA D 167 16.33 -13.22 0.97
N ALA D 168 17.31 -13.84 0.32
CA ALA D 168 18.68 -13.36 0.36
C ALA D 168 19.00 -12.58 -0.92
N PRO D 169 19.39 -11.31 -0.78
CA PRO D 169 19.73 -10.45 -1.93
C PRO D 169 21.02 -10.91 -2.62
N VAL D 170 20.98 -11.05 -3.93
CA VAL D 170 22.16 -11.43 -4.68
C VAL D 170 22.77 -10.14 -5.22
N PHE D 171 21.94 -9.34 -5.90
CA PHE D 171 22.37 -8.03 -6.39
C PHE D 171 21.11 -7.21 -6.66
N GLY D 172 21.26 -5.90 -6.55
CA GLY D 172 20.12 -5.02 -6.77
C GLY D 172 20.49 -3.85 -7.66
N VAL D 173 19.48 -3.24 -8.26
CA VAL D 173 19.68 -2.08 -9.12
C VAL D 173 18.69 -1.02 -8.68
N ASP D 174 19.24 0.14 -8.33
CA ASP D 174 18.44 1.27 -7.85
C ASP D 174 17.75 1.96 -9.03
N MET D 175 16.42 2.00 -9.03
CA MET D 175 15.74 2.66 -10.13
C MET D 175 15.15 4.03 -9.73
N TRP D 176 15.55 4.54 -8.56
CA TRP D 176 15.10 5.87 -8.17
C TRP D 176 15.70 6.79 -9.23
N GLU D 177 15.02 7.89 -9.55
CA GLU D 177 15.54 8.79 -10.56
C GLU D 177 16.89 9.41 -10.20
N HIS D 178 17.14 9.63 -8.91
CA HIS D 178 18.41 10.22 -8.50
C HIS D 178 19.59 9.32 -8.83
N ALA D 179 19.33 8.06 -9.17
CA ALA D 179 20.42 7.15 -9.49
C ALA D 179 20.86 7.25 -10.94
N TYR D 180 20.14 8.00 -11.76
CA TYR D 180 20.51 8.09 -13.16
C TYR D 180 20.15 9.37 -13.90
N TYR D 181 19.21 10.13 -13.37
CA TYR D 181 18.74 11.31 -14.07
C TYR D 181 19.78 12.30 -14.57
N LEU D 182 20.77 12.64 -13.76
CA LEU D 182 21.78 13.60 -14.21
C LEU D 182 22.46 13.16 -15.51
N GLN D 183 22.64 11.85 -15.68
CA GLN D 183 23.31 11.34 -16.86
C GLN D 183 22.40 10.83 -17.98
N TYR D 184 21.39 10.06 -17.61
CA TYR D 184 20.50 9.49 -18.60
C TYR D 184 19.18 10.23 -18.77
N LEU D 185 18.94 11.21 -17.90
CA LEU D 185 17.71 11.99 -17.96
C LEU D 185 16.57 10.98 -17.86
N ASN D 186 15.53 11.16 -18.68
CA ASN D 186 14.39 10.25 -18.67
C ASN D 186 14.65 8.88 -19.30
N ASP D 187 15.79 8.74 -19.97
CA ASP D 187 16.13 7.49 -20.62
C ASP D 187 16.63 6.42 -19.65
N LYS D 188 15.74 5.92 -18.81
CA LYS D 188 16.10 4.89 -17.85
C LYS D 188 16.47 3.59 -18.56
N ALA D 189 16.04 3.43 -19.81
CA ALA D 189 16.36 2.22 -20.55
C ALA D 189 17.87 2.12 -20.78
N SER D 190 18.51 3.23 -21.16
CA SER D 190 19.96 3.20 -21.38
C SER D 190 20.68 3.00 -20.06
N TYR D 191 20.11 3.52 -18.98
CA TYR D 191 20.71 3.35 -17.66
C TYR D 191 20.71 1.86 -17.31
N ALA D 192 19.56 1.21 -17.53
CA ALA D 192 19.43 -0.22 -17.24
C ALA D 192 20.46 -1.03 -18.02
N LYS D 193 20.59 -0.73 -19.31
CA LYS D 193 21.54 -1.43 -20.18
C LYS D 193 22.99 -1.20 -19.76
N GLY D 194 23.32 0.05 -19.48
CA GLY D 194 24.69 0.37 -19.11
C GLY D 194 25.19 -0.15 -17.78
N ILE D 195 24.29 -0.29 -16.81
CA ILE D 195 24.74 -0.75 -15.49
C ILE D 195 25.27 -2.18 -15.45
N TRP D 196 24.83 -3.04 -16.37
CA TRP D 196 25.30 -4.41 -16.38
C TRP D 196 26.82 -4.44 -16.51
N ASN D 197 27.38 -3.38 -17.09
CA ASN D 197 28.82 -3.25 -17.30
C ASN D 197 29.63 -3.10 -16.01
N VAL D 198 28.99 -2.62 -14.96
CA VAL D 198 29.68 -2.42 -13.70
C VAL D 198 29.11 -3.24 -12.55
N ILE D 199 28.39 -4.30 -12.88
CA ILE D 199 27.83 -5.16 -11.86
C ILE D 199 28.97 -6.03 -11.31
N ASN D 200 29.12 -6.07 -10.00
CA ASN D 200 30.17 -6.86 -9.36
C ASN D 200 29.68 -8.29 -9.19
N TRP D 201 29.86 -9.11 -10.22
CA TRP D 201 29.42 -10.50 -10.16
C TRP D 201 30.16 -11.34 -9.12
N ALA D 202 31.38 -10.93 -8.76
CA ALA D 202 32.17 -11.63 -7.77
C ALA D 202 31.43 -11.55 -6.43
N GLU D 203 30.88 -10.38 -6.12
CA GLU D 203 30.13 -10.19 -4.88
C GLU D 203 28.82 -10.95 -4.92
N ALA D 204 28.15 -10.89 -6.07
CA ALA D 204 26.87 -11.58 -6.24
C ALA D 204 27.09 -13.09 -6.05
N GLU D 205 28.24 -13.58 -6.50
CA GLU D 205 28.57 -15.00 -6.37
C GLU D 205 28.57 -15.41 -4.90
N ASN D 206 29.32 -14.66 -4.09
CA ASN D 206 29.41 -14.93 -2.66
C ASN D 206 28.06 -14.89 -1.96
N ARG D 207 27.26 -13.89 -2.33
CA ARG D 207 25.94 -13.75 -1.72
C ARG D 207 25.05 -14.92 -2.09
N TYR D 208 25.12 -15.36 -3.34
CA TYR D 208 24.29 -16.47 -3.77
C TYR D 208 24.71 -17.76 -3.07
N ILE D 209 26.02 -18.05 -3.07
CA ILE D 209 26.55 -19.25 -2.42
C ILE D 209 26.22 -19.23 -0.93
N ALA D 210 26.33 -18.06 -0.32
CA ALA D 210 26.03 -17.92 1.11
C ALA D 210 24.53 -18.04 1.36
N GLY D 211 23.74 -17.35 0.55
CA GLY D 211 22.30 -17.39 0.70
C GLY D 211 21.84 -17.05 2.11
N ASP D 212 22.26 -15.89 2.60
CA ASP D 212 21.88 -15.46 3.95
C ASP D 212 20.71 -14.48 3.91
N LYS D 213 19.55 -14.90 4.41
CA LYS D 213 18.38 -14.04 4.43
C LYS D 213 18.55 -12.88 5.41
MN MN E . -14.42 -14.80 0.71
MN MN F . -11.42 -5.77 16.21
MN MN G . 6.29 14.82 -12.80
MN MN H . 19.39 5.65 -4.42
#